data_2XED
#
_entry.id   2XED
#
_cell.length_a   52.980
_cell.length_b   85.670
_cell.length_c   239.940
_cell.angle_alpha   90.00
_cell.angle_beta   90.00
_cell.angle_gamma   90.00
#
_symmetry.space_group_name_H-M   'P 21 21 21'
#
loop_
_entity.id
_entity.type
_entity.pdbx_description
1 polymer 'PUTATIVE MALEATE ISOMERASE'
2 non-polymer 'SUCCINIC ACID'
3 water water
#
_entity_poly.entity_id   1
_entity_poly.type   'polypeptide(L)'
_entity_poly.pdbx_seq_one_letter_code
;MGSSHHHHHHSSGLEVLFQGPAMGIRRIGLVVPSSNVTVETEMPALLSRHPGAEFSFHSTRMRMHTVSPEGLAAMNAQRE
RCVLEIADAAPEVILYACLVAVMVGGPGEHHRVESAVAEQLATGGSQALVRSSAGALVEGLRALDAQRVALVTPYMRPLA
EKVVAYLEAEGFTISDWRALEVADNTEVGCIPGEQVMAAARSLDLSEVDALVISCAVQMPSLPLVETAEREFGIPVLSAA
TAGAYSILRSLDLPVAVPGAGRLLRQDSAVTAS
;
_entity_poly.pdbx_strand_id   A,B,C,D
#
loop_
_chem_comp.id
_chem_comp.type
_chem_comp.name
_chem_comp.formula
SIN non-polymer 'SUCCINIC ACID' 'C4 H6 O4'
#
# COMPACT_ATOMS: atom_id res chain seq x y z
N GLN A 19 -16.31 8.87 -7.70
CA GLN A 19 -16.64 8.07 -8.92
C GLN A 19 -17.97 7.29 -8.78
N GLY A 20 -18.00 6.19 -8.03
CA GLY A 20 -19.21 5.36 -7.94
C GLY A 20 -19.60 4.81 -6.57
N PRO A 21 -20.64 3.95 -6.53
CA PRO A 21 -21.12 3.33 -5.28
C PRO A 21 -20.05 2.60 -4.48
N ALA A 22 -20.07 2.79 -3.15
CA ALA A 22 -19.22 2.05 -2.21
C ALA A 22 -19.35 0.53 -2.42
N MET A 23 -18.22 -0.17 -2.45
CA MET A 23 -18.19 -1.56 -2.95
C MET A 23 -18.55 -2.70 -1.96
N GLY A 24 -18.46 -2.45 -0.66
CA GLY A 24 -18.69 -3.52 0.33
C GLY A 24 -17.40 -4.30 0.54
N ILE A 25 -17.47 -5.62 0.67
CA ILE A 25 -16.27 -6.45 0.84
C ILE A 25 -15.42 -6.34 -0.43
N ARG A 26 -14.14 -6.04 -0.26
CA ARG A 26 -13.23 -5.94 -1.39
C ARG A 26 -12.53 -7.29 -1.60
N ARG A 27 -12.79 -7.90 -2.75
CA ARG A 27 -12.31 -9.22 -3.10
C ARG A 27 -10.94 -9.22 -3.74
N ILE A 28 -9.98 -9.87 -3.08
CA ILE A 28 -8.61 -9.97 -3.53
C ILE A 28 -8.31 -11.38 -4.06
N GLY A 29 -7.77 -11.45 -5.27
CA GLY A 29 -7.31 -12.71 -5.84
C GLY A 29 -5.82 -12.91 -5.63
N LEU A 30 -5.43 -14.12 -5.23
CA LEU A 30 -4.04 -14.40 -4.97
C LEU A 30 -3.62 -15.59 -5.83
N VAL A 31 -2.61 -15.39 -6.67
CA VAL A 31 -2.01 -16.45 -7.42
C VAL A 31 -0.72 -16.84 -6.68
N VAL A 32 -0.73 -18.00 -6.07
CA VAL A 32 0.30 -18.33 -5.08
C VAL A 32 1.00 -19.67 -5.39
N PRO A 33 2.29 -19.81 -5.02
CA PRO A 33 2.90 -21.14 -5.10
C PRO A 33 2.10 -22.13 -4.24
N SER A 34 1.95 -23.37 -4.70
CA SER A 34 1.17 -24.34 -3.93
C SER A 34 1.65 -24.47 -2.49
N SER A 35 2.97 -24.49 -2.29
CA SER A 35 3.59 -24.69 -0.98
C SER A 35 3.58 -23.43 -0.09
N ASN A 36 3.20 -22.29 -0.66
CA ASN A 36 3.19 -21.05 0.12
C ASN A 36 2.02 -21.04 1.10
N VAL A 37 2.31 -20.80 2.36
CA VAL A 37 1.29 -20.66 3.41
C VAL A 37 1.34 -19.29 4.07
N THR A 38 2.42 -18.56 3.82
CA THR A 38 2.65 -17.31 4.52
C THR A 38 1.81 -16.15 3.97
N VAL A 39 1.63 -16.07 2.65
CA VAL A 39 0.96 -14.88 2.13
C VAL A 39 -0.54 -14.90 2.43
N GLU A 40 -1.12 -16.10 2.46
CA GLU A 40 -2.53 -16.26 2.78
C GLU A 40 -2.79 -16.05 4.27
N THR A 41 -1.71 -15.96 5.05
CA THR A 41 -1.78 -15.65 6.49
C THR A 41 -1.51 -14.17 6.71
N GLU A 42 -0.42 -13.67 6.14
CA GLU A 42 0.03 -12.30 6.38
C GLU A 42 -0.84 -11.22 5.72
N MET A 43 -1.32 -11.49 4.51
CA MET A 43 -2.13 -10.50 3.79
C MET A 43 -3.46 -10.20 4.52
N PRO A 44 -4.20 -11.25 4.93
CA PRO A 44 -5.39 -10.96 5.74
C PRO A 44 -5.08 -10.35 7.10
N ALA A 45 -4.00 -10.78 7.75
CA ALA A 45 -3.65 -10.19 9.04
C ALA A 45 -3.34 -8.69 8.93
N LEU A 46 -2.56 -8.32 7.92
CA LEU A 46 -2.15 -6.93 7.73
C LEU A 46 -3.36 -6.06 7.41
N LEU A 47 -4.13 -6.50 6.40
CA LEU A 47 -5.26 -5.74 5.89
C LEU A 47 -6.50 -5.73 6.78
N SER A 48 -6.63 -6.69 7.69
CA SER A 48 -7.72 -6.71 8.66
C SER A 48 -7.71 -5.47 9.59
N ARG A 49 -6.56 -4.80 9.69
CA ARG A 49 -6.42 -3.59 10.53
C ARG A 49 -6.74 -2.28 9.79
N HIS A 50 -7.19 -2.38 8.53
CA HIS A 50 -7.64 -1.19 7.81
C HIS A 50 -8.90 -0.69 8.51
N PRO A 51 -8.92 0.59 8.94
CA PRO A 51 -10.07 1.05 9.71
C PRO A 51 -11.34 1.25 8.87
N GLY A 52 -11.21 1.31 7.55
CA GLY A 52 -12.32 1.73 6.68
C GLY A 52 -12.78 0.82 5.56
N ALA A 53 -12.13 -0.32 5.41
CA ALA A 53 -12.41 -1.28 4.34
C ALA A 53 -12.35 -2.72 4.85
N GLU A 54 -13.18 -3.57 4.25
CA GLU A 54 -13.23 -4.99 4.57
C GLU A 54 -12.78 -5.79 3.35
N PHE A 55 -12.09 -6.93 3.57
CA PHE A 55 -11.48 -7.71 2.49
C PHE A 55 -11.83 -9.20 2.53
N SER A 56 -11.87 -9.82 1.36
CA SER A 56 -11.91 -11.29 1.30
C SER A 56 -10.80 -11.73 0.38
N PHE A 57 -10.36 -12.98 0.54
CA PHE A 57 -9.20 -13.51 -0.17
C PHE A 57 -9.46 -14.86 -0.80
N HIS A 58 -9.07 -14.96 -2.06
CA HIS A 58 -9.42 -16.09 -2.88
C HIS A 58 -8.17 -16.50 -3.63
N SER A 59 -7.81 -17.77 -3.53
CA SER A 59 -6.53 -18.20 -4.12
C SER A 59 -6.64 -19.18 -5.27
N THR A 60 -5.65 -19.14 -6.15
CA THR A 60 -5.40 -20.21 -7.11
C THR A 60 -3.94 -20.63 -6.94
N ARG A 61 -3.66 -21.93 -7.04
CA ARG A 61 -2.32 -22.49 -6.81
C ARG A 61 -1.61 -22.88 -8.08
N MET A 62 -0.34 -22.50 -8.15
CA MET A 62 0.58 -22.99 -9.18
C MET A 62 1.65 -23.76 -8.43
N ARG A 63 1.88 -25.01 -8.82
CA ARG A 63 2.68 -25.90 -8.00
C ARG A 63 4.15 -25.52 -8.00
N MET A 64 4.70 -25.41 -6.80
CA MET A 64 6.15 -25.27 -6.62
C MET A 64 6.49 -25.62 -5.19
N HIS A 65 7.61 -26.31 -4.97
CA HIS A 65 8.14 -26.46 -3.60
C HIS A 65 9.64 -26.24 -3.52
N THR A 66 10.27 -26.10 -4.69
CA THR A 66 11.71 -25.85 -4.78
C THR A 66 11.94 -24.52 -5.49
N VAL A 67 12.63 -23.61 -4.79
CA VAL A 67 12.83 -22.26 -5.30
C VAL A 67 14.14 -22.27 -6.09
N SER A 68 14.04 -22.76 -7.31
CA SER A 68 15.16 -22.92 -8.22
C SER A 68 14.73 -22.50 -9.62
N PRO A 69 15.71 -22.22 -10.51
CA PRO A 69 15.35 -21.88 -11.88
C PRO A 69 14.29 -22.83 -12.44
N GLU A 70 14.47 -24.13 -12.27
CA GLU A 70 13.50 -25.07 -12.83
C GLU A 70 12.18 -25.14 -12.06
N GLY A 71 12.22 -25.04 -10.74
CA GLY A 71 10.99 -24.99 -9.95
C GLY A 71 10.15 -23.78 -10.33
N LEU A 72 10.80 -22.64 -10.49
CA LEU A 72 10.10 -21.40 -10.84
C LEU A 72 9.56 -21.43 -12.28
N ALA A 73 10.34 -22.00 -13.20
CA ALA A 73 9.88 -22.11 -14.59
C ALA A 73 8.65 -23.00 -14.67
N ALA A 74 8.70 -24.17 -14.02
CA ALA A 74 7.54 -25.06 -13.95
C ALA A 74 6.32 -24.37 -13.31
N MET A 75 6.55 -23.61 -12.25
CA MET A 75 5.47 -22.85 -11.62
C MET A 75 4.89 -21.74 -12.55
N ASN A 76 5.75 -20.92 -13.14
CA ASN A 76 5.27 -19.84 -14.02
C ASN A 76 4.48 -20.36 -15.21
N ALA A 77 4.80 -21.55 -15.71
CA ALA A 77 4.06 -22.15 -16.83
C ALA A 77 2.58 -22.41 -16.51
N GLN A 78 2.22 -22.32 -15.23
CA GLN A 78 0.81 -22.53 -14.86
C GLN A 78 -0.01 -21.24 -14.81
N ARG A 79 0.63 -20.14 -15.20
CA ARG A 79 0.03 -18.81 -15.07
C ARG A 79 -1.34 -18.78 -15.75
N GLU A 80 -1.40 -19.21 -17.01
CA GLU A 80 -2.64 -19.15 -17.79
C GLU A 80 -3.75 -19.94 -17.12
N ARG A 81 -3.44 -21.15 -16.65
CA ARG A 81 -4.43 -21.91 -15.88
C ARG A 81 -4.93 -21.13 -14.67
N CYS A 82 -4.02 -20.62 -13.85
CA CYS A 82 -4.42 -19.93 -12.61
C CYS A 82 -5.29 -18.71 -12.88
N VAL A 83 -4.93 -17.94 -13.90
CA VAL A 83 -5.66 -16.74 -14.24
C VAL A 83 -7.12 -17.03 -14.55
N LEU A 84 -7.37 -18.05 -15.36
CA LEU A 84 -8.73 -18.45 -15.70
C LEU A 84 -9.52 -18.86 -14.45
N GLU A 85 -8.85 -19.55 -13.52
CA GLU A 85 -9.50 -20.01 -12.29
C GLU A 85 -9.92 -18.83 -11.42
N ILE A 86 -8.98 -17.92 -11.14
CA ILE A 86 -9.25 -16.84 -10.20
C ILE A 86 -10.18 -15.79 -10.82
N ALA A 87 -10.11 -15.63 -12.14
CA ALA A 87 -11.01 -14.71 -12.86
C ALA A 87 -12.48 -15.07 -12.62
N ASP A 88 -12.76 -16.36 -12.51
CA ASP A 88 -14.13 -16.85 -12.23
C ASP A 88 -14.72 -16.28 -10.94
N ALA A 89 -13.85 -15.86 -10.01
CA ALA A 89 -14.28 -15.30 -8.72
C ALA A 89 -14.54 -13.80 -8.77
N ALA A 90 -14.30 -13.19 -9.94
CA ALA A 90 -14.45 -11.73 -10.16
C ALA A 90 -13.78 -10.87 -9.09
N PRO A 91 -12.50 -11.14 -8.79
CA PRO A 91 -11.89 -10.30 -7.78
C PRO A 91 -11.67 -8.92 -8.37
N GLU A 92 -11.52 -7.93 -7.50
CA GLU A 92 -11.18 -6.58 -7.93
C GLU A 92 -9.73 -6.45 -8.40
N VAL A 93 -8.80 -7.09 -7.68
CA VAL A 93 -7.37 -7.06 -8.01
C VAL A 93 -6.88 -8.47 -7.85
N ILE A 94 -5.91 -8.82 -8.68
CA ILE A 94 -5.25 -10.11 -8.62
C ILE A 94 -3.77 -9.88 -8.42
N LEU A 95 -3.23 -10.58 -7.44
CA LEU A 95 -1.82 -10.43 -7.10
C LEU A 95 -1.02 -11.67 -7.52
N TYR A 96 -0.02 -11.47 -8.37
CA TYR A 96 0.94 -12.52 -8.73
C TYR A 96 1.97 -12.55 -7.63
N ALA A 97 1.83 -13.51 -6.73
CA ALA A 97 2.43 -13.40 -5.39
C ALA A 97 3.93 -13.58 -5.32
N CYS A 98 4.50 -14.48 -6.12
CA CYS A 98 5.92 -14.81 -5.97
C CYS A 98 6.83 -13.80 -6.65
N LEU A 99 7.63 -13.10 -5.85
CA LEU A 99 8.49 -12.01 -6.36
C LEU A 99 9.63 -12.54 -7.23
N VAL A 100 10.33 -13.58 -6.77
CA VAL A 100 11.50 -14.09 -7.49
C VAL A 100 11.11 -14.80 -8.79
N ALA A 101 9.90 -15.37 -8.80
CA ALA A 101 9.30 -15.95 -10.02
C ALA A 101 9.25 -14.99 -11.19
N VAL A 102 9.02 -13.71 -10.88
CA VAL A 102 9.04 -12.66 -11.87
C VAL A 102 10.47 -12.15 -12.10
N MET A 103 11.19 -11.83 -11.02
CA MET A 103 12.50 -11.19 -11.17
C MET A 103 13.57 -12.09 -11.77
N VAL A 104 13.42 -13.40 -11.64
CA VAL A 104 14.34 -14.34 -12.32
C VAL A 104 14.38 -14.15 -13.85
N GLY A 105 13.29 -13.62 -14.42
CA GLY A 105 13.17 -13.39 -15.87
C GLY A 105 13.94 -12.17 -16.36
N GLY A 106 14.54 -11.41 -15.43
CA GLY A 106 15.39 -10.27 -15.77
C GLY A 106 14.66 -8.94 -15.82
N PRO A 107 15.42 -7.84 -15.95
CA PRO A 107 14.84 -6.49 -15.90
C PRO A 107 13.59 -6.36 -16.74
N GLY A 108 12.58 -5.68 -16.21
CA GLY A 108 11.35 -5.42 -16.95
C GLY A 108 10.30 -6.52 -16.88
N GLU A 109 10.61 -7.66 -16.27
CA GLU A 109 9.73 -8.82 -16.34
C GLU A 109 8.33 -8.61 -15.73
N HIS A 110 8.25 -7.82 -14.65
CA HIS A 110 6.93 -7.59 -14.05
C HIS A 110 5.96 -6.92 -15.03
N HIS A 111 6.48 -6.08 -15.93
CA HIS A 111 5.61 -5.44 -16.91
C HIS A 111 5.10 -6.45 -17.95
N ARG A 112 5.98 -7.34 -18.39
CA ARG A 112 5.58 -8.43 -19.29
C ARG A 112 4.54 -9.36 -18.65
N VAL A 113 4.76 -9.71 -17.39
CA VAL A 113 3.86 -10.67 -16.69
C VAL A 113 2.50 -10.00 -16.43
N GLU A 114 2.54 -8.80 -15.86
CA GLU A 114 1.32 -8.03 -15.59
C GLU A 114 0.48 -7.79 -16.85
N SER A 115 1.15 -7.43 -17.95
CA SER A 115 0.46 -7.18 -19.20
C SER A 115 -0.14 -8.45 -19.80
N ALA A 116 0.59 -9.57 -19.67
CA ALA A 116 0.10 -10.86 -20.14
C ALA A 116 -1.18 -11.26 -19.37
N VAL A 117 -1.17 -11.04 -18.05
CA VAL A 117 -2.36 -11.35 -17.23
C VAL A 117 -3.54 -10.44 -17.60
N ALA A 118 -3.27 -9.14 -17.77
CA ALA A 118 -4.31 -8.17 -18.07
C ALA A 118 -4.97 -8.52 -19.40
N GLU A 119 -4.15 -8.90 -20.38
CA GLU A 119 -4.65 -9.26 -21.71
C GLU A 119 -5.50 -10.54 -21.69
N GLN A 120 -5.03 -11.55 -20.96
CA GLN A 120 -5.79 -12.77 -20.77
C GLN A 120 -7.13 -12.47 -20.08
N LEU A 121 -7.11 -11.65 -19.03
CA LEU A 121 -8.35 -11.27 -18.35
C LEU A 121 -9.29 -10.54 -19.29
N ALA A 122 -8.73 -9.66 -20.12
CA ALA A 122 -9.53 -8.90 -21.08
C ALA A 122 -10.17 -9.80 -22.15
N THR A 123 -9.48 -10.84 -22.60
CA THR A 123 -10.06 -11.78 -23.60
C THR A 123 -11.22 -12.59 -23.03
N GLY A 124 -11.31 -12.67 -21.71
CA GLY A 124 -12.40 -13.38 -21.04
C GLY A 124 -13.47 -12.48 -20.45
N GLY A 125 -13.42 -11.18 -20.73
CA GLY A 125 -14.40 -10.22 -20.21
C GLY A 125 -14.24 -9.78 -18.76
N SER A 126 -13.07 -10.05 -18.18
CA SER A 126 -12.82 -9.65 -16.79
C SER A 126 -12.30 -8.22 -16.67
N GLN A 127 -12.79 -7.50 -15.66
CA GLN A 127 -12.33 -6.13 -15.40
C GLN A 127 -11.21 -6.04 -14.33
N ALA A 128 -10.87 -7.17 -13.72
CA ALA A 128 -9.90 -7.20 -12.61
C ALA A 128 -8.57 -6.52 -12.95
N LEU A 129 -8.06 -5.80 -11.97
CA LEU A 129 -6.73 -5.20 -11.96
C LEU A 129 -5.68 -6.26 -11.67
N VAL A 130 -4.45 -5.99 -12.08
CA VAL A 130 -3.35 -6.93 -11.90
C VAL A 130 -2.19 -6.25 -11.23
N ARG A 131 -1.70 -6.88 -10.15
CA ARG A 131 -0.45 -6.46 -9.51
C ARG A 131 0.45 -7.69 -9.32
N SER A 132 1.73 -7.43 -9.04
CA SER A 132 2.63 -8.51 -8.70
C SER A 132 3.47 -8.08 -7.54
N SER A 133 3.95 -9.04 -6.77
CA SER A 133 4.84 -8.73 -5.65
C SER A 133 6.08 -7.99 -6.13
N ALA A 134 6.63 -8.39 -7.29
CA ALA A 134 7.86 -7.75 -7.84
C ALA A 134 7.59 -6.29 -8.14
N GLY A 135 6.57 -6.03 -8.94
CA GLY A 135 6.17 -4.67 -9.23
C GLY A 135 5.78 -3.87 -8.01
N ALA A 136 5.11 -4.51 -7.05
CA ALA A 136 4.70 -3.85 -5.82
C ALA A 136 5.90 -3.40 -4.96
N LEU A 137 6.93 -4.22 -4.93
CA LEU A 137 8.14 -3.84 -4.20
C LEU A 137 8.75 -2.53 -4.75
N VAL A 138 8.81 -2.46 -6.07
CA VAL A 138 9.30 -1.23 -6.75
C VAL A 138 8.43 -0.05 -6.32
N GLU A 139 7.12 -0.26 -6.37
CA GLU A 139 6.11 0.75 -6.05
C GLU A 139 6.28 1.26 -4.62
N GLY A 140 6.49 0.33 -3.69
CA GLY A 140 6.67 0.66 -2.28
C GLY A 140 7.96 1.41 -1.99
N LEU A 141 9.06 0.94 -2.58
CA LEU A 141 10.35 1.59 -2.48
C LEU A 141 10.29 3.04 -3.00
N ARG A 142 9.60 3.23 -4.11
CA ARG A 142 9.41 4.57 -4.70
C ARG A 142 8.52 5.50 -3.87
N ALA A 143 7.52 4.93 -3.19
CA ALA A 143 6.61 5.71 -2.35
C ALA A 143 7.37 6.17 -1.12
N LEU A 144 8.33 5.35 -0.72
CA LEU A 144 9.20 5.66 0.40
C LEU A 144 10.31 6.65 0.02
N ASP A 145 10.37 7.04 -1.26
CA ASP A 145 11.46 7.87 -1.79
C ASP A 145 12.83 7.25 -1.51
N ALA A 146 12.88 5.91 -1.52
CA ALA A 146 14.09 5.17 -1.26
C ALA A 146 14.99 5.10 -2.49
N GLN A 147 16.27 5.38 -2.30
CA GLN A 147 17.26 5.20 -3.36
C GLN A 147 18.23 4.09 -3.01
N ARG A 148 18.75 4.14 -1.79
CA ARG A 148 19.64 3.12 -1.31
C ARG A 148 18.87 2.14 -0.45
N VAL A 149 19.03 0.87 -0.79
CA VAL A 149 18.16 -0.17 -0.29
C VAL A 149 19.01 -1.37 0.18
N ALA A 150 18.59 -2.00 1.27
CA ALA A 150 19.22 -3.23 1.72
C ALA A 150 18.17 -4.33 1.80
N LEU A 151 18.60 -5.56 1.52
CA LEU A 151 17.68 -6.67 1.30
C LEU A 151 18.01 -7.88 2.18
N VAL A 152 16.97 -8.52 2.70
CA VAL A 152 17.10 -9.86 3.27
C VAL A 152 16.21 -10.76 2.44
N THR A 153 16.77 -11.92 2.08
CA THR A 153 16.07 -12.88 1.24
C THR A 153 16.36 -14.30 1.75
N PRO A 154 15.41 -15.23 1.59
CA PRO A 154 15.68 -16.63 1.92
C PRO A 154 16.37 -17.40 0.77
N TYR A 155 16.60 -16.72 -0.36
CA TYR A 155 17.00 -17.41 -1.60
C TYR A 155 18.41 -17.96 -1.59
N MET A 156 18.66 -18.91 -2.49
CA MET A 156 20.01 -19.29 -2.87
C MET A 156 20.66 -18.04 -3.48
N ARG A 157 21.97 -17.93 -3.37
CA ARG A 157 22.64 -16.69 -3.79
C ARG A 157 22.35 -16.25 -5.25
N PRO A 158 22.40 -17.18 -6.22
CA PRO A 158 22.17 -16.76 -7.62
C PRO A 158 20.82 -16.09 -7.85
N LEU A 159 19.79 -16.57 -7.14
CA LEU A 159 18.46 -15.96 -7.19
C LEU A 159 18.42 -14.61 -6.47
N ALA A 160 19.15 -14.50 -5.36
CA ALA A 160 19.28 -13.22 -4.71
C ALA A 160 19.93 -12.23 -5.66
N GLU A 161 21.00 -12.65 -6.36
CA GLU A 161 21.72 -11.74 -7.28
C GLU A 161 20.84 -11.25 -8.44
N LYS A 162 19.95 -12.10 -8.90
CA LYS A 162 18.98 -11.66 -9.89
C LYS A 162 18.00 -10.62 -9.32
N VAL A 163 17.57 -10.77 -8.07
CA VAL A 163 16.74 -9.75 -7.42
C VAL A 163 17.50 -8.40 -7.35
N VAL A 164 18.74 -8.47 -6.87
CA VAL A 164 19.63 -7.30 -6.86
C VAL A 164 19.76 -6.65 -8.24
N ALA A 165 19.98 -7.45 -9.29
CA ALA A 165 20.14 -6.89 -10.64
C ALA A 165 18.84 -6.23 -11.14
N TYR A 166 17.71 -6.83 -10.78
CA TYR A 166 16.39 -6.34 -11.14
C TYR A 166 16.13 -4.96 -10.56
N LEU A 167 16.43 -4.81 -9.28
CA LEU A 167 16.24 -3.57 -8.58
C LEU A 167 17.23 -2.48 -9.02
N GLU A 168 18.47 -2.88 -9.34
CA GLU A 168 19.45 -1.95 -9.92
C GLU A 168 18.94 -1.37 -11.25
N ALA A 169 18.38 -2.22 -12.10
CA ALA A 169 17.78 -1.79 -13.36
C ALA A 169 16.64 -0.79 -13.17
N GLU A 170 15.86 -0.95 -12.10
CA GLU A 170 14.80 0.00 -11.73
C GLU A 170 15.32 1.30 -11.16
N GLY A 171 16.64 1.43 -11.02
CA GLY A 171 17.27 2.68 -10.56
C GLY A 171 17.71 2.72 -9.10
N PHE A 172 17.46 1.64 -8.35
CA PHE A 172 17.84 1.56 -6.95
C PHE A 172 19.31 1.19 -6.78
N THR A 173 19.92 1.68 -5.71
CA THR A 173 21.26 1.23 -5.29
C THR A 173 21.06 0.20 -4.18
N ILE A 174 21.54 -1.02 -4.43
CA ILE A 174 21.46 -2.06 -3.43
C ILE A 174 22.78 -2.05 -2.65
N SER A 175 22.73 -1.51 -1.44
CA SER A 175 23.93 -1.33 -0.63
C SER A 175 24.55 -2.63 -0.14
N ASP A 176 23.69 -3.60 0.14
CA ASP A 176 24.07 -4.79 0.86
C ASP A 176 22.84 -5.68 0.83
N TRP A 177 23.08 -6.98 0.92
CA TRP A 177 22.01 -7.95 0.92
C TRP A 177 22.45 -9.25 1.58
N ARG A 178 21.45 -9.97 2.09
CA ARG A 178 21.67 -11.31 2.61
C ARG A 178 20.77 -12.32 1.92
N ALA A 179 21.35 -13.51 1.71
CA ALA A 179 20.66 -14.67 1.17
C ALA A 179 20.83 -15.85 2.14
N LEU A 180 19.71 -16.32 2.68
CA LEU A 180 19.75 -17.41 3.65
C LEU A 180 19.95 -18.80 3.01
N GLU A 181 19.83 -18.86 1.69
CA GLU A 181 20.10 -20.08 0.91
C GLU A 181 19.24 -21.26 1.37
N VAL A 182 17.94 -21.05 1.36
CA VAL A 182 16.95 -22.06 1.74
C VAL A 182 16.08 -22.31 0.52
N ALA A 183 16.42 -23.36 -0.23
CA ALA A 183 15.80 -23.63 -1.52
C ALA A 183 14.45 -24.30 -1.39
N ASP A 184 14.25 -25.07 -0.33
CA ASP A 184 12.97 -25.74 -0.12
C ASP A 184 11.95 -24.78 0.47
N ASN A 185 10.84 -24.58 -0.25
CA ASN A 185 9.86 -23.54 0.13
C ASN A 185 9.11 -23.82 1.43
N THR A 186 8.87 -25.10 1.73
CA THR A 186 8.26 -25.47 3.02
C THR A 186 9.17 -25.04 4.16
N GLU A 187 10.46 -25.31 4.00
CA GLU A 187 11.46 -24.84 4.96
C GLU A 187 11.48 -23.31 5.06
N VAL A 188 11.38 -22.61 3.93
CA VAL A 188 11.33 -21.14 3.94
C VAL A 188 10.19 -20.63 4.87
N GLY A 189 9.05 -21.32 4.83
CA GLY A 189 7.90 -20.90 5.64
C GLY A 189 8.15 -21.03 7.14
N CYS A 190 9.13 -21.86 7.50
CA CYS A 190 9.43 -22.15 8.91
C CYS A 190 10.58 -21.34 9.46
N ILE A 191 11.21 -20.52 8.62
CA ILE A 191 12.30 -19.65 9.06
C ILE A 191 11.86 -18.80 10.26
N PRO A 192 12.53 -18.93 11.44
CA PRO A 192 12.05 -18.12 12.57
C PRO A 192 12.44 -16.64 12.46
N GLY A 193 11.64 -15.77 13.08
CA GLY A 193 11.91 -14.33 13.06
C GLY A 193 13.30 -14.00 13.57
N GLU A 194 13.77 -14.80 14.52
CA GLU A 194 15.12 -14.61 15.05
C GLU A 194 16.17 -14.74 13.95
N GLN A 195 15.94 -15.67 13.01
CA GLN A 195 16.91 -15.88 11.93
C GLN A 195 16.92 -14.66 11.00
N VAL A 196 15.72 -14.19 10.64
CA VAL A 196 15.55 -13.03 9.79
C VAL A 196 16.14 -11.77 10.40
N MET A 197 15.86 -11.56 11.68
CA MET A 197 16.43 -10.44 12.44
C MET A 197 17.94 -10.49 12.53
N ALA A 198 18.50 -11.70 12.75
CA ALA A 198 19.96 -11.86 12.75
C ALA A 198 20.56 -11.50 11.39
N ALA A 199 19.87 -11.85 10.28
CA ALA A 199 20.35 -11.44 8.97
C ALA A 199 20.29 -9.89 8.78
N ALA A 200 19.18 -9.28 9.18
CA ALA A 200 18.99 -7.84 9.05
C ALA A 200 20.03 -7.09 9.89
N ARG A 201 20.37 -7.68 11.02
CA ARG A 201 21.34 -7.06 11.93
C ARG A 201 22.79 -7.19 11.46
N SER A 202 23.05 -8.14 10.55
CA SER A 202 24.38 -8.31 9.93
C SER A 202 24.62 -7.32 8.80
N LEU A 203 23.56 -6.68 8.32
CA LEU A 203 23.69 -5.69 7.24
C LEU A 203 24.37 -4.39 7.65
N ASP A 204 25.12 -3.81 6.74
CA ASP A 204 25.54 -2.43 6.91
C ASP A 204 24.45 -1.48 6.41
N LEU A 205 23.83 -0.78 7.35
CA LEU A 205 22.68 0.07 7.08
C LEU A 205 22.98 1.57 7.06
N SER A 206 24.23 1.91 7.02
CA SER A 206 24.56 3.29 7.07
C SER A 206 24.25 3.86 5.71
N GLU A 207 23.50 4.95 5.73
CA GLU A 207 22.90 5.55 4.56
C GLU A 207 22.06 4.68 3.67
N VAL A 208 21.30 3.84 4.29
CA VAL A 208 20.36 3.05 3.61
C VAL A 208 19.07 3.71 3.91
N ASP A 209 18.31 3.92 2.86
CA ASP A 209 17.00 4.56 2.97
C ASP A 209 15.88 3.64 3.40
N ALA A 210 15.97 2.35 3.06
CA ALA A 210 14.93 1.40 3.44
C ALA A 210 15.47 -0.02 3.47
N LEU A 211 14.91 -0.83 4.37
CA LEU A 211 15.28 -2.24 4.46
C LEU A 211 14.14 -3.13 3.98
N VAL A 212 14.40 -3.95 2.97
CA VAL A 212 13.44 -4.98 2.60
C VAL A 212 13.75 -6.19 3.47
N ILE A 213 12.96 -6.37 4.55
CA ILE A 213 13.16 -7.45 5.52
C ILE A 213 12.86 -8.87 4.98
N SER A 214 11.97 -8.98 3.99
CA SER A 214 11.85 -10.23 3.23
C SER A 214 11.48 -9.95 1.79
N CYS A 215 12.34 -10.35 0.85
CA CYS A 215 11.98 -10.23 -0.58
C CYS A 215 10.98 -11.29 -1.02
N ALA A 216 10.86 -12.36 -0.24
CA ALA A 216 9.94 -13.46 -0.62
C ALA A 216 8.67 -13.43 0.21
N VAL A 217 7.53 -13.78 -0.41
CA VAL A 217 6.28 -13.86 0.32
C VAL A 217 6.14 -15.09 1.22
N GLN A 218 6.98 -16.11 1.02
CA GLN A 218 6.92 -17.26 1.90
C GLN A 218 7.67 -17.02 3.24
N MET A 219 8.69 -16.18 3.25
CA MET A 219 9.47 -16.01 4.50
C MET A 219 8.69 -15.09 5.42
N PRO A 220 8.30 -15.60 6.61
CA PRO A 220 7.50 -14.75 7.51
C PRO A 220 8.27 -13.53 7.98
N SER A 221 7.58 -12.39 8.07
CA SER A 221 8.24 -11.15 8.49
C SER A 221 7.31 -10.12 9.10
N LEU A 222 6.00 -10.29 8.91
CA LEU A 222 5.05 -9.24 9.32
C LEU A 222 5.25 -8.74 10.76
N PRO A 223 5.26 -9.64 11.77
CA PRO A 223 5.46 -9.12 13.13
C PRO A 223 6.80 -8.41 13.39
N LEU A 224 7.75 -8.55 12.48
CA LEU A 224 9.07 -7.91 12.66
C LEU A 224 9.11 -6.49 12.12
N VAL A 225 8.15 -6.13 11.30
CA VAL A 225 8.17 -4.85 10.60
C VAL A 225 8.23 -3.67 11.57
N GLU A 226 7.31 -3.62 12.53
CA GLU A 226 7.29 -2.52 13.51
C GLU A 226 8.52 -2.52 14.41
N THR A 227 8.88 -3.67 14.96
CA THR A 227 10.05 -3.73 15.85
C THR A 227 11.37 -3.39 15.14
N ALA A 228 11.46 -3.77 13.87
CA ALA A 228 12.64 -3.44 13.05
C ALA A 228 12.75 -1.97 12.67
N GLU A 229 11.63 -1.30 12.42
CA GLU A 229 11.67 0.15 12.17
C GLU A 229 12.15 0.91 13.38
N ARG A 230 11.72 0.48 14.56
CA ARG A 230 12.16 1.11 15.82
C ARG A 230 13.63 0.86 16.06
N GLU A 231 14.10 -0.32 15.67
CA GLU A 231 15.48 -0.71 15.96
C GLU A 231 16.45 -0.01 15.02
N PHE A 232 16.13 -0.01 13.73
CA PHE A 232 17.04 0.49 12.72
C PHE A 232 16.84 1.96 12.35
N GLY A 233 15.69 2.53 12.71
CA GLY A 233 15.44 3.94 12.39
C GLY A 233 15.23 4.27 10.91
N ILE A 234 14.98 3.25 10.10
CA ILE A 234 14.60 3.45 8.71
C ILE A 234 13.28 2.74 8.43
N PRO A 235 12.59 3.09 7.33
CA PRO A 235 11.41 2.33 6.92
C PRO A 235 11.76 0.90 6.59
N VAL A 236 10.88 -0.02 6.99
CA VAL A 236 11.05 -1.45 6.72
C VAL A 236 9.79 -1.95 6.00
N LEU A 237 10.03 -2.67 4.91
CA LEU A 237 8.95 -3.29 4.17
C LEU A 237 9.32 -4.71 3.76
N SER A 238 8.33 -5.46 3.29
CA SER A 238 8.58 -6.77 2.77
C SER A 238 7.86 -6.83 1.46
N ALA A 239 8.01 -7.95 0.75
CA ALA A 239 7.18 -8.22 -0.43
C ALA A 239 5.69 -8.16 -0.12
N ALA A 240 5.32 -8.74 1.02
CA ALA A 240 3.92 -8.73 1.49
C ALA A 240 3.37 -7.34 1.86
N THR A 241 4.14 -6.53 2.57
CA THR A 241 3.63 -5.19 2.90
C THR A 241 3.59 -4.30 1.67
N ALA A 242 4.56 -4.48 0.78
CA ALA A 242 4.53 -3.80 -0.52
C ALA A 242 3.30 -4.17 -1.33
N GLY A 243 2.99 -5.47 -1.37
CA GLY A 243 1.77 -5.98 -1.98
C GLY A 243 0.51 -5.38 -1.39
N ALA A 244 0.45 -5.34 -0.06
CA ALA A 244 -0.67 -4.68 0.61
C ALA A 244 -0.79 -3.21 0.18
N TYR A 245 0.32 -2.45 0.27
CA TYR A 245 0.34 -1.06 -0.23
C TYR A 245 -0.21 -0.94 -1.67
N SER A 246 0.28 -1.79 -2.56
CA SER A 246 -0.12 -1.77 -3.97
C SER A 246 -1.61 -2.05 -4.13
N ILE A 247 -2.11 -3.05 -3.39
CA ILE A 247 -3.53 -3.43 -3.47
C ILE A 247 -4.40 -2.25 -3.05
N LEU A 248 -4.02 -1.63 -1.94
CA LEU A 248 -4.71 -0.46 -1.41
C LEU A 248 -4.74 0.65 -2.45
N ARG A 249 -3.59 0.95 -3.05
CA ARG A 249 -3.54 1.99 -4.09
C ARG A 249 -4.40 1.61 -5.30
N SER A 250 -4.33 0.36 -5.73
CA SER A 250 -5.14 -0.12 -6.86
C SER A 250 -6.65 -0.03 -6.63
N LEU A 251 -7.08 -0.10 -5.37
CA LEU A 251 -8.49 -0.08 -5.00
C LEU A 251 -9.01 1.31 -4.60
N ASP A 252 -8.15 2.31 -4.72
CA ASP A 252 -8.48 3.68 -4.29
C ASP A 252 -8.89 3.82 -2.82
N LEU A 253 -8.18 3.10 -1.96
CA LEU A 253 -8.43 3.10 -0.54
C LEU A 253 -7.29 3.85 0.16
N PRO A 254 -7.58 4.49 1.29
CA PRO A 254 -6.52 5.24 1.96
C PRO A 254 -5.43 4.30 2.48
N VAL A 255 -4.16 4.65 2.28
CA VAL A 255 -3.12 3.81 2.88
C VAL A 255 -2.80 4.33 4.28
N ALA A 256 -3.60 3.86 5.23
CA ALA A 256 -3.48 4.21 6.64
C ALA A 256 -3.87 2.99 7.45
N VAL A 257 -2.97 2.00 7.47
CA VAL A 257 -3.14 0.77 8.23
C VAL A 257 -2.05 0.70 9.30
N PRO A 258 -2.43 0.56 10.59
CA PRO A 258 -1.38 0.45 11.63
C PRO A 258 -0.70 -0.94 11.63
N GLY A 259 0.47 -1.00 12.25
CA GLY A 259 1.13 -2.27 12.52
C GLY A 259 1.91 -2.87 11.37
N ALA A 260 2.12 -2.10 10.30
CA ALA A 260 2.72 -2.65 9.08
C ALA A 260 3.80 -1.72 8.49
N GLY A 261 4.36 -0.89 9.37
CA GLY A 261 5.41 0.05 9.01
C GLY A 261 4.94 1.34 8.39
N ARG A 262 5.88 2.27 8.24
CA ARG A 262 5.63 3.62 7.69
C ARG A 262 4.97 3.62 6.30
N LEU A 263 5.30 2.62 5.48
CA LEU A 263 4.80 2.55 4.11
C LEU A 263 3.27 2.48 4.11
N LEU A 264 2.72 1.71 5.03
CA LEU A 264 1.28 1.59 5.20
C LEU A 264 0.55 2.74 5.92
N ARG A 265 1.29 3.80 6.24
CA ARG A 265 0.73 5.01 6.87
C ARG A 265 0.95 6.24 5.99
N GLN A 266 1.17 6.03 4.69
CA GLN A 266 1.47 7.16 3.79
C GLN A 266 0.34 8.19 3.75
N ASP A 267 -0.88 7.74 4.01
CA ASP A 267 -2.05 8.60 4.06
C ASP A 267 -2.48 8.94 5.50
N SER A 268 -1.55 8.80 6.43
CA SER A 268 -1.80 9.15 7.85
C SER A 268 -2.46 10.52 8.00
N ALA A 269 -1.75 11.56 7.55
CA ALA A 269 -2.19 12.95 7.63
C ALA A 269 -3.53 13.25 6.90
N VAL A 270 -3.89 12.40 5.95
CA VAL A 270 -5.13 12.52 5.18
C VAL A 270 -6.29 11.97 6.01
N MET B 23 -16.01 36.20 16.03
CA MET B 23 -16.14 37.70 16.14
C MET B 23 -15.04 38.40 15.34
N GLY B 24 -15.02 38.18 14.03
CA GLY B 24 -13.91 38.62 13.20
C GLY B 24 -12.64 37.94 13.71
N ILE B 25 -11.64 38.75 14.02
CA ILE B 25 -10.37 38.23 14.54
C ILE B 25 -10.53 37.80 16.01
N ARG B 26 -10.04 36.62 16.35
CA ARG B 26 -10.07 36.12 17.73
C ARG B 26 -8.78 36.48 18.44
N ARG B 27 -8.88 37.20 19.56
CA ARG B 27 -7.68 37.72 20.22
C ARG B 27 -7.16 36.80 21.30
N ILE B 28 -5.87 36.47 21.18
CA ILE B 28 -5.20 35.52 22.06
C ILE B 28 -4.11 36.23 22.84
N GLY B 29 -4.19 36.14 24.16
CA GLY B 29 -3.17 36.67 25.05
C GLY B 29 -2.16 35.59 25.40
N LEU B 30 -0.88 35.94 25.34
CA LEU B 30 0.23 35.02 25.67
C LEU B 30 1.10 35.58 26.79
N VAL B 31 1.21 34.82 27.87
CA VAL B 31 2.08 35.21 28.98
C VAL B 31 3.35 34.42 28.84
N VAL B 32 4.40 35.06 28.34
CA VAL B 32 5.60 34.33 27.91
C VAL B 32 6.86 34.68 28.70
N PRO B 33 7.80 33.72 28.85
CA PRO B 33 9.10 34.13 29.39
C PRO B 33 9.72 35.15 28.44
N SER B 34 10.37 36.17 28.99
CA SER B 34 11.00 37.20 28.18
C SER B 34 11.89 36.64 27.08
N SER B 35 12.62 35.56 27.39
CA SER B 35 13.60 34.98 26.47
C SER B 35 13.01 33.96 25.45
N ASN B 36 11.74 33.59 25.63
CA ASN B 36 11.08 32.63 24.73
C ASN B 36 10.79 33.30 23.40
N VAL B 37 11.19 32.65 22.30
CA VAL B 37 10.90 33.13 20.96
C VAL B 37 10.02 32.14 20.16
N THR B 38 10.00 30.91 20.63
CA THR B 38 9.36 29.83 19.90
C THR B 38 7.82 29.88 19.89
N VAL B 39 7.20 30.17 21.03
CA VAL B 39 5.74 30.07 21.11
C VAL B 39 5.03 31.18 20.29
N GLU B 40 5.63 32.38 20.29
CA GLU B 40 5.16 33.47 19.45
C GLU B 40 5.41 33.20 17.95
N THR B 41 6.17 32.16 17.64
CA THR B 41 6.40 31.72 16.28
C THR B 41 5.47 30.55 15.92
N GLU B 42 5.49 29.51 16.75
CA GLU B 42 4.74 28.27 16.48
C GLU B 42 3.22 28.40 16.56
N MET B 43 2.73 29.08 17.60
CA MET B 43 1.29 29.27 17.81
C MET B 43 0.60 30.00 16.65
N PRO B 44 1.16 31.12 16.18
CA PRO B 44 0.62 31.74 14.97
C PRO B 44 0.80 30.87 13.74
N ALA B 45 1.97 30.23 13.58
CA ALA B 45 2.19 29.36 12.43
C ALA B 45 1.12 28.24 12.38
N LEU B 46 0.90 27.61 13.54
CA LEU B 46 -0.07 26.54 13.67
C LEU B 46 -1.49 27.01 13.35
N LEU B 47 -1.94 28.05 14.06
CA LEU B 47 -3.32 28.47 13.96
C LEU B 47 -3.69 29.19 12.65
N SER B 48 -2.66 29.67 11.94
CA SER B 48 -2.90 30.30 10.63
C SER B 48 -3.51 29.33 9.60
N ARG B 49 -3.43 28.03 9.87
CA ARG B 49 -3.94 26.99 8.96
C ARG B 49 -5.40 26.58 9.23
N HIS B 50 -6.01 27.18 10.24
CA HIS B 50 -7.42 26.93 10.54
C HIS B 50 -8.27 27.54 9.42
N PRO B 51 -9.13 26.73 8.80
CA PRO B 51 -9.91 27.15 7.61
C PRO B 51 -11.04 28.14 7.90
N GLY B 52 -11.50 28.22 9.14
CA GLY B 52 -12.69 28.97 9.46
C GLY B 52 -12.56 30.14 10.41
N ALA B 53 -11.35 30.33 10.95
CA ALA B 53 -11.10 31.36 11.96
C ALA B 53 -9.78 32.08 11.73
N GLU B 54 -9.76 33.37 12.06
CA GLU B 54 -8.53 34.15 12.08
C GLU B 54 -8.19 34.64 13.48
N PHE B 55 -6.89 34.72 13.77
CA PHE B 55 -6.40 35.04 15.11
C PHE B 55 -5.37 36.16 15.10
N SER B 56 -5.24 36.82 16.25
CA SER B 56 -4.18 37.79 16.47
C SER B 56 -3.55 37.46 17.83
N PHE B 57 -2.27 37.80 17.99
CA PHE B 57 -1.51 37.36 19.18
C PHE B 57 -0.88 38.52 19.96
N HIS B 58 -1.03 38.49 21.28
CA HIS B 58 -0.66 39.64 22.12
C HIS B 58 0.10 39.16 23.34
N SER B 59 1.36 39.60 23.47
CA SER B 59 2.20 39.08 24.54
C SER B 59 2.51 40.08 25.66
N THR B 60 2.60 39.53 26.87
CA THR B 60 3.22 40.18 28.01
C THR B 60 4.38 39.29 28.43
N ARG B 61 5.47 39.91 28.87
CA ARG B 61 6.71 39.19 29.21
C ARG B 61 7.00 39.18 30.69
N MET B 62 7.33 38.00 31.21
CA MET B 62 7.86 37.83 32.56
C MET B 62 9.31 37.39 32.39
N ARG B 63 10.24 38.11 33.00
CA ARG B 63 11.66 37.88 32.73
C ARG B 63 12.13 36.51 33.19
N MET B 64 12.84 35.82 32.30
CA MET B 64 13.53 34.57 32.63
C MET B 64 14.49 34.22 31.51
N HIS B 65 15.72 33.86 31.86
CA HIS B 65 16.63 33.27 30.86
C HIS B 65 17.19 31.91 31.27
N THR B 66 16.96 31.52 32.53
CA THR B 66 17.46 30.25 33.04
C THR B 66 16.35 29.40 33.63
N VAL B 67 16.21 28.20 33.06
CA VAL B 67 15.14 27.31 33.41
C VAL B 67 15.61 26.49 34.60
N SER B 68 15.55 27.13 35.77
CA SER B 68 15.90 26.51 37.04
C SER B 68 14.81 26.84 38.07
N PRO B 69 14.83 26.16 39.23
CA PRO B 69 13.85 26.53 40.27
C PRO B 69 13.86 28.04 40.59
N GLU B 70 15.05 28.63 40.75
CA GLU B 70 15.18 30.06 41.06
C GLU B 70 14.68 30.94 39.91
N GLY B 71 15.13 30.61 38.69
CA GLY B 71 14.68 31.30 37.48
C GLY B 71 13.17 31.28 37.33
N LEU B 72 12.58 30.10 37.48
CA LEU B 72 11.12 29.93 37.36
C LEU B 72 10.35 30.67 38.44
N ALA B 73 10.90 30.67 39.65
CA ALA B 73 10.25 31.36 40.75
C ALA B 73 10.22 32.87 40.51
N ALA B 74 11.35 33.45 40.09
CA ALA B 74 11.41 34.88 39.78
C ALA B 74 10.47 35.23 38.61
N MET B 75 10.45 34.38 37.60
CA MET B 75 9.51 34.56 36.50
C MET B 75 8.05 34.49 37.00
N ASN B 76 7.70 33.43 37.73
CA ASN B 76 6.34 33.25 38.28
C ASN B 76 5.84 34.44 39.12
N ALA B 77 6.75 35.07 39.87
CA ALA B 77 6.44 36.23 40.71
C ALA B 77 5.91 37.45 39.91
N GLN B 78 6.09 37.43 38.59
CA GLN B 78 5.67 38.52 37.72
CA GLN B 78 5.67 38.53 37.74
C GLN B 78 4.27 38.30 37.15
N ARG B 79 3.58 37.25 37.61
CA ARG B 79 2.26 36.91 37.07
C ARG B 79 1.21 38.03 37.19
N GLU B 80 1.14 38.63 38.38
CA GLU B 80 0.21 39.73 38.69
CA GLU B 80 0.15 39.67 38.63
C GLU B 80 0.30 40.88 37.70
N ARG B 81 1.52 41.36 37.50
CA ARG B 81 1.81 42.46 36.59
C ARG B 81 1.47 42.08 35.14
N CYS B 82 1.81 40.85 34.76
CA CYS B 82 1.58 40.40 33.38
C CYS B 82 0.08 40.33 33.04
N VAL B 83 -0.72 39.80 33.96
CA VAL B 83 -2.17 39.70 33.79
C VAL B 83 -2.83 41.08 33.62
N LEU B 84 -2.45 42.03 34.46
CA LEU B 84 -2.91 43.41 34.33
C LEU B 84 -2.58 43.98 32.94
N GLU B 85 -1.37 43.70 32.47
CA GLU B 85 -0.91 44.18 31.16
C GLU B 85 -1.71 43.60 30.01
N ILE B 86 -1.86 42.28 30.01
CA ILE B 86 -2.52 41.62 28.90
C ILE B 86 -4.03 41.83 28.93
N ALA B 87 -4.63 41.91 30.12
CA ALA B 87 -6.06 42.14 30.24
C ALA B 87 -6.48 43.45 29.60
N ASP B 88 -5.57 44.43 29.57
CA ASP B 88 -5.84 45.73 28.90
C ASP B 88 -6.18 45.58 27.43
N ALA B 89 -5.70 44.49 26.82
CA ALA B 89 -5.91 44.19 25.40
C ALA B 89 -7.25 43.50 25.08
N ALA B 90 -8.01 43.18 26.13
CA ALA B 90 -9.26 42.43 26.02
C ALA B 90 -9.13 41.14 25.20
N PRO B 91 -8.13 40.30 25.51
CA PRO B 91 -8.05 39.04 24.76
C PRO B 91 -9.22 38.13 25.15
N GLU B 92 -9.64 37.27 24.24
CA GLU B 92 -10.71 36.32 24.52
C GLU B 92 -10.21 35.18 25.43
N VAL B 93 -8.94 34.82 25.28
CA VAL B 93 -8.29 33.78 26.11
C VAL B 93 -6.87 34.21 26.42
N ILE B 94 -6.40 33.87 27.61
CA ILE B 94 -5.01 34.10 27.99
C ILE B 94 -4.34 32.75 28.30
N LEU B 95 -3.19 32.52 27.66
CA LEU B 95 -2.40 31.32 27.88
C LEU B 95 -1.19 31.66 28.74
N TYR B 96 -1.09 30.99 29.88
CA TYR B 96 0.14 31.01 30.70
C TYR B 96 1.10 29.99 30.10
N ALA B 97 2.09 30.50 29.35
CA ALA B 97 2.82 29.70 28.35
C ALA B 97 3.81 28.65 28.84
N CYS B 98 4.53 28.95 29.92
CA CYS B 98 5.58 28.01 30.34
C CYS B 98 5.00 26.83 31.14
N LEU B 99 5.10 25.64 30.56
CA LEU B 99 4.63 24.39 31.17
C LEU B 99 5.33 24.10 32.50
N VAL B 100 6.67 24.10 32.49
CA VAL B 100 7.44 23.68 33.66
C VAL B 100 7.31 24.68 34.80
N ALA B 101 7.11 25.96 34.48
CA ALA B 101 6.84 26.98 35.47
C ALA B 101 5.64 26.62 36.35
N VAL B 102 4.68 25.89 35.79
CA VAL B 102 3.49 25.48 36.53
C VAL B 102 3.67 24.09 37.17
N MET B 103 4.27 23.15 36.45
CA MET B 103 4.44 21.79 36.97
C MET B 103 5.46 21.63 38.09
N VAL B 104 6.43 22.55 38.13
CA VAL B 104 7.40 22.58 39.24
C VAL B 104 6.71 22.74 40.61
N GLY B 105 5.50 23.32 40.59
CA GLY B 105 4.71 23.53 41.81
C GLY B 105 4.10 22.27 42.40
N GLY B 106 4.15 21.18 41.63
CA GLY B 106 3.59 19.92 42.10
C GLY B 106 2.13 19.72 41.74
N PRO B 107 1.60 18.52 42.02
CA PRO B 107 0.25 18.13 41.60
C PRO B 107 -0.80 19.19 41.89
N GLY B 108 -1.62 19.50 40.87
CA GLY B 108 -2.73 20.44 41.00
C GLY B 108 -2.37 21.89 40.75
N GLU B 109 -1.09 22.17 40.53
CA GLU B 109 -0.65 23.56 40.37
C GLU B 109 -1.35 24.35 39.26
N HIS B 110 -1.66 23.72 38.12
CA HIS B 110 -2.37 24.42 37.05
C HIS B 110 -3.79 24.85 37.42
N HIS B 111 -4.48 24.08 38.26
CA HIS B 111 -5.77 24.56 38.79
C HIS B 111 -5.58 25.78 39.68
N ARG B 112 -4.56 25.75 40.53
CA ARG B 112 -4.23 26.86 41.43
C ARG B 112 -3.86 28.11 40.63
N VAL B 113 -3.02 27.93 39.62
CA VAL B 113 -2.58 29.05 38.82
C VAL B 113 -3.77 29.65 38.02
N GLU B 114 -4.51 28.79 37.33
CA GLU B 114 -5.61 29.25 36.47
C GLU B 114 -6.71 29.95 37.27
N SER B 115 -7.03 29.39 38.43
CA SER B 115 -7.98 30.00 39.38
C SER B 115 -7.54 31.38 39.87
N ALA B 116 -6.26 31.50 40.26
CA ALA B 116 -5.71 32.77 40.70
C ALA B 116 -5.76 33.83 39.59
N VAL B 117 -5.50 33.40 38.36
CA VAL B 117 -5.60 34.31 37.22
C VAL B 117 -7.06 34.72 36.89
N ALA B 118 -7.98 33.76 36.94
CA ALA B 118 -9.40 34.02 36.68
C ALA B 118 -9.98 35.02 37.69
N GLU B 119 -9.55 34.87 38.95
CA GLU B 119 -9.99 35.73 40.02
C GLU B 119 -9.43 37.14 39.84
N GLN B 120 -8.17 37.24 39.43
CA GLN B 120 -7.58 38.55 39.17
C GLN B 120 -8.27 39.25 37.99
N LEU B 121 -8.53 38.50 36.92
CA LEU B 121 -9.25 39.01 35.77
C LEU B 121 -10.63 39.52 36.17
N ALA B 122 -11.35 38.71 36.97
CA ALA B 122 -12.67 39.07 37.47
C ALA B 122 -12.71 40.37 38.29
N THR B 123 -11.69 40.57 39.13
CA THR B 123 -11.61 41.75 40.00
C THR B 123 -11.43 43.03 39.19
N GLY B 124 -10.65 42.96 38.13
CA GLY B 124 -10.46 44.09 37.21
C GLY B 124 -11.54 44.18 36.13
N GLY B 125 -12.58 43.36 36.24
CA GLY B 125 -13.71 43.37 35.30
C GLY B 125 -13.40 42.86 33.89
N SER B 126 -12.63 41.78 33.81
CA SER B 126 -12.29 41.17 32.52
C SER B 126 -12.99 39.82 32.33
N GLN B 127 -13.45 39.58 31.10
CA GLN B 127 -14.22 38.38 30.74
C GLN B 127 -13.33 37.25 30.17
N ALA B 128 -12.04 37.56 30.02
CA ALA B 128 -11.07 36.66 29.39
C ALA B 128 -11.03 35.26 30.03
N LEU B 129 -10.96 34.24 29.18
CA LEU B 129 -10.76 32.87 29.63
C LEU B 129 -9.29 32.64 29.92
N VAL B 130 -9.00 31.68 30.80
CA VAL B 130 -7.63 31.37 31.18
C VAL B 130 -7.27 29.92 30.88
N ARG B 131 -6.15 29.73 30.19
CA ARG B 131 -5.58 28.40 29.99
C ARG B 131 -4.08 28.44 30.34
N SER B 132 -3.47 27.27 30.50
CA SER B 132 -2.03 27.18 30.73
C SER B 132 -1.50 26.01 29.91
N SER B 133 -0.23 26.07 29.50
CA SER B 133 0.36 24.99 28.74
C SER B 133 0.36 23.69 29.53
N ALA B 134 0.61 23.79 30.84
CA ALA B 134 0.56 22.61 31.70
C ALA B 134 -0.81 21.96 31.68
N GLY B 135 -1.86 22.75 31.87
CA GLY B 135 -3.23 22.26 31.82
C GLY B 135 -3.63 21.71 30.45
N ALA B 136 -3.21 22.41 29.40
CA ALA B 136 -3.53 22.09 28.02
C ALA B 136 -2.95 20.75 27.61
N LEU B 137 -1.77 20.44 28.12
CA LEU B 137 -1.10 19.17 27.83
C LEU B 137 -1.89 17.99 28.41
N VAL B 138 -2.42 18.15 29.62
CA VAL B 138 -3.33 17.15 30.21
C VAL B 138 -4.60 17.06 29.35
N GLU B 139 -5.11 18.22 28.95
CA GLU B 139 -6.34 18.29 28.14
C GLU B 139 -6.17 17.57 26.79
N GLY B 140 -5.07 17.84 26.08
CA GLY B 140 -4.77 17.17 24.80
C GLY B 140 -4.53 15.67 24.89
N LEU B 141 -3.80 15.24 25.93
CA LEU B 141 -3.58 13.82 26.22
C LEU B 141 -4.87 13.03 26.45
N ARG B 142 -5.73 13.58 27.30
CA ARG B 142 -7.04 12.99 27.57
C ARG B 142 -7.89 12.96 26.30
N ALA B 143 -7.77 14.00 25.48
CA ALA B 143 -8.46 14.07 24.20
C ALA B 143 -8.04 12.94 23.25
N LEU B 144 -6.77 12.53 23.33
CA LEU B 144 -6.20 11.44 22.55
C LEU B 144 -6.56 10.07 23.15
N ASP B 145 -7.22 10.10 24.31
CA ASP B 145 -7.39 8.92 25.17
C ASP B 145 -6.09 8.20 25.53
N ALA B 146 -4.99 8.92 25.50
CA ALA B 146 -3.67 8.38 25.86
C ALA B 146 -3.63 8.01 27.34
N GLN B 147 -3.12 6.82 27.64
CA GLN B 147 -2.84 6.39 29.01
C GLN B 147 -1.33 6.27 29.25
N ARG B 148 -0.63 5.60 28.34
CA ARG B 148 0.83 5.43 28.38
C ARG B 148 1.48 6.46 27.47
N VAL B 149 2.38 7.25 28.06
CA VAL B 149 2.92 8.44 27.43
C VAL B 149 4.45 8.46 27.54
N ALA B 150 5.10 8.86 26.46
CA ALA B 150 6.55 9.08 26.47
C ALA B 150 6.84 10.57 26.26
N LEU B 151 7.90 11.08 26.88
CA LEU B 151 8.20 12.52 26.85
C LEU B 151 9.59 12.84 26.33
N VAL B 152 9.67 13.91 25.55
CA VAL B 152 10.96 14.54 25.28
C VAL B 152 10.89 15.97 25.84
N THR B 153 11.95 16.35 26.56
CA THR B 153 12.05 17.66 27.20
C THR B 153 13.48 18.22 27.12
N PRO B 154 13.62 19.57 27.11
CA PRO B 154 14.96 20.16 27.20
C PRO B 154 15.49 20.28 28.61
N TYR B 155 14.65 19.99 29.60
CA TYR B 155 14.97 20.39 30.97
C TYR B 155 16.15 19.67 31.58
N MET B 156 16.74 20.28 32.61
CA MET B 156 17.63 19.57 33.53
C MET B 156 16.82 18.42 34.16
N ARG B 157 17.50 17.32 34.47
CA ARG B 157 16.88 16.11 35.08
C ARG B 157 15.80 16.38 36.15
N PRO B 158 16.15 17.12 37.24
CA PRO B 158 15.18 17.28 38.33
C PRO B 158 13.87 17.91 37.88
N LEU B 159 13.96 18.85 36.95
CA LEU B 159 12.78 19.51 36.40
C LEU B 159 11.99 18.57 35.50
N ALA B 160 12.69 17.74 34.73
CA ALA B 160 12.03 16.68 33.96
C ALA B 160 11.26 15.72 34.89
N GLU B 161 11.86 15.38 36.03
CA GLU B 161 11.24 14.46 37.02
C GLU B 161 9.99 15.04 37.66
N LYS B 162 9.97 16.36 37.84
CA LYS B 162 8.80 17.10 38.31
C LYS B 162 7.63 16.98 37.34
N VAL B 163 7.93 17.12 36.04
CA VAL B 163 6.94 17.00 34.98
C VAL B 163 6.37 15.58 34.91
N VAL B 164 7.25 14.58 35.02
CA VAL B 164 6.87 13.17 35.04
C VAL B 164 5.92 12.91 36.21
N ALA B 165 6.29 13.42 37.39
CA ALA B 165 5.53 13.20 38.61
C ALA B 165 4.16 13.89 38.53
N TYR B 166 4.13 15.06 37.90
CA TYR B 166 2.92 15.85 37.72
C TYR B 166 1.94 15.12 36.81
N LEU B 167 2.46 14.56 35.72
CA LEU B 167 1.64 13.81 34.79
C LEU B 167 1.14 12.51 35.40
N GLU B 168 1.99 11.86 36.21
CA GLU B 168 1.61 10.65 36.93
C GLU B 168 0.43 10.95 37.86
N ALA B 169 0.49 12.12 38.52
CA ALA B 169 -0.60 12.59 39.37
C ALA B 169 -1.90 12.78 38.58
N GLU B 170 -1.78 13.17 37.32
CA GLU B 170 -2.95 13.39 36.46
C GLU B 170 -3.53 12.10 35.90
N GLY B 171 -2.89 10.98 36.24
CA GLY B 171 -3.39 9.66 35.89
C GLY B 171 -2.66 8.93 34.78
N PHE B 172 -1.67 9.59 34.18
CA PHE B 172 -0.93 9.00 33.06
C PHE B 172 0.21 8.09 33.52
N THR B 173 0.52 7.09 32.70
CA THR B 173 1.72 6.29 32.90
C THR B 173 2.85 6.86 32.05
N ILE B 174 3.93 7.31 32.69
CA ILE B 174 5.07 7.80 31.93
C ILE B 174 6.05 6.64 31.73
N SER B 175 5.88 5.92 30.63
CA SER B 175 6.68 4.72 30.41
C SER B 175 8.13 5.02 30.03
N ASP B 176 8.41 6.22 29.51
CA ASP B 176 9.79 6.59 29.18
C ASP B 176 9.87 8.08 28.92
N TRP B 177 11.03 8.67 29.19
CA TRP B 177 11.24 10.09 28.95
C TRP B 177 12.70 10.37 28.68
N ARG B 178 12.95 11.53 28.07
CA ARG B 178 14.30 11.98 27.79
C ARG B 178 14.39 13.44 28.14
N ALA B 179 15.49 13.81 28.80
CA ALA B 179 15.75 15.21 29.14
C ALA B 179 17.10 15.64 28.55
N LEU B 180 17.10 16.71 27.76
CA LEU B 180 18.32 17.16 27.09
C LEU B 180 19.29 17.97 27.98
N GLU B 181 18.81 18.40 29.14
CA GLU B 181 19.61 19.16 30.11
C GLU B 181 20.23 20.44 29.53
N VAL B 182 19.35 21.31 29.03
CA VAL B 182 19.74 22.62 28.53
C VAL B 182 19.00 23.65 29.40
N ALA B 183 19.70 24.21 30.38
CA ALA B 183 19.11 25.17 31.31
C ALA B 183 18.97 26.57 30.74
N ASP B 184 19.85 26.95 29.80
CA ASP B 184 19.79 28.29 29.21
C ASP B 184 18.70 28.39 28.16
N ASN B 185 17.74 29.28 28.38
CA ASN B 185 16.53 29.27 27.55
C ASN B 185 16.76 29.77 26.13
N THR B 186 17.74 30.64 25.95
CA THR B 186 18.14 31.03 24.60
C THR B 186 18.69 29.82 23.84
N GLU B 187 19.55 29.05 24.50
CA GLU B 187 20.07 27.80 23.92
C GLU B 187 18.96 26.80 23.61
N VAL B 188 17.94 26.74 24.48
CA VAL B 188 16.81 25.83 24.25
C VAL B 188 16.11 26.14 22.92
N GLY B 189 15.97 27.44 22.61
CA GLY B 189 15.36 27.87 21.35
C GLY B 189 16.20 27.50 20.14
N CYS B 190 17.44 27.07 20.37
CA CYS B 190 18.33 26.74 19.25
C CYS B 190 18.49 25.24 19.05
N ILE B 191 17.85 24.44 19.92
CA ILE B 191 17.93 22.98 19.81
C ILE B 191 17.37 22.56 18.43
N PRO B 192 18.19 21.90 17.62
CA PRO B 192 17.72 21.61 16.26
C PRO B 192 16.82 20.38 16.22
N GLY B 193 15.97 20.32 15.20
CA GLY B 193 15.03 19.23 15.01
C GLY B 193 15.66 17.85 15.07
N GLU B 194 16.82 17.68 14.45
CA GLU B 194 17.50 16.37 14.49
C GLU B 194 17.88 15.92 15.90
N GLN B 195 18.17 16.87 16.79
CA GLN B 195 18.49 16.50 18.17
C GLN B 195 17.23 16.02 18.89
N VAL B 196 16.11 16.68 18.62
CA VAL B 196 14.84 16.28 19.20
C VAL B 196 14.45 14.90 18.69
N MET B 197 14.59 14.68 17.37
CA MET B 197 14.24 13.38 16.78
C MET B 197 15.13 12.25 17.27
N ALA B 198 16.43 12.52 17.42
CA ALA B 198 17.32 11.52 18.00
C ALA B 198 16.86 11.13 19.41
N ALA B 199 16.42 12.10 20.21
CA ALA B 199 15.94 11.79 21.56
C ALA B 199 14.67 10.94 21.50
N ALA B 200 13.75 11.32 20.62
CA ALA B 200 12.51 10.59 20.44
C ALA B 200 12.76 9.17 19.95
N ARG B 201 13.73 9.02 19.03
CA ARG B 201 14.07 7.69 18.50
C ARG B 201 14.71 6.79 19.54
N SER B 202 15.36 7.36 20.55
CA SER B 202 15.99 6.55 21.60
C SER B 202 14.96 6.00 22.60
N LEU B 203 13.77 6.58 22.62
CA LEU B 203 12.72 6.14 23.56
C LEU B 203 12.23 4.73 23.28
N ASP B 204 11.83 4.04 24.35
CA ASP B 204 11.11 2.78 24.22
C ASP B 204 9.63 3.12 24.06
N LEU B 205 9.13 2.94 22.83
CA LEU B 205 7.76 3.29 22.56
C LEU B 205 6.80 2.09 22.57
N SER B 206 7.27 0.95 23.06
CA SER B 206 6.40 -0.23 23.10
C SER B 206 5.22 0.02 24.04
N GLU B 207 4.01 -0.22 23.52
CA GLU B 207 2.76 0.03 24.26
C GLU B 207 2.45 1.52 24.56
N VAL B 208 3.26 2.45 24.04
CA VAL B 208 3.04 3.89 24.29
C VAL B 208 1.90 4.40 23.40
N ASP B 209 0.95 5.11 24.00
CA ASP B 209 -0.21 5.65 23.27
C ASP B 209 0.05 7.01 22.61
N ALA B 210 0.90 7.83 23.22
CA ALA B 210 1.18 9.18 22.72
C ALA B 210 2.58 9.62 23.08
N LEU B 211 3.19 10.41 22.18
CA LEU B 211 4.50 10.97 22.38
C LEU B 211 4.40 12.49 22.51
N VAL B 212 4.83 13.02 23.65
CA VAL B 212 4.97 14.47 23.79
C VAL B 212 6.37 14.83 23.28
N ILE B 213 6.43 15.36 22.06
CA ILE B 213 7.72 15.62 21.40
C ILE B 213 8.49 16.82 22.01
N SER B 214 7.75 17.72 22.66
CA SER B 214 8.33 18.75 23.52
C SER B 214 7.37 19.16 24.63
N CYS B 215 7.80 19.00 25.88
CA CYS B 215 7.02 19.48 27.00
C CYS B 215 7.21 20.99 27.21
N ALA B 216 8.24 21.57 26.60
CA ALA B 216 8.54 22.99 26.78
C ALA B 216 8.12 23.81 25.57
N VAL B 217 7.57 25.01 25.80
CA VAL B 217 7.24 25.88 24.68
C VAL B 217 8.44 26.55 23.99
N GLN B 218 9.61 26.59 24.63
CA GLN B 218 10.80 27.14 23.96
C GLN B 218 11.44 26.15 22.95
N MET B 219 11.41 24.86 23.24
CA MET B 219 12.08 23.90 22.36
C MET B 219 11.25 23.71 21.10
N PRO B 220 11.83 24.06 19.93
CA PRO B 220 11.08 23.97 18.66
C PRO B 220 10.73 22.54 18.31
N SER B 221 9.52 22.33 17.82
CA SER B 221 9.05 20.98 17.45
C SER B 221 7.95 20.96 16.38
N LEU B 222 7.34 22.11 16.09
CA LEU B 222 6.19 22.14 15.16
C LEU B 222 6.42 21.38 13.84
N PRO B 223 7.56 21.60 13.16
CA PRO B 223 7.75 20.86 11.89
C PRO B 223 8.01 19.35 12.06
N LEU B 224 8.20 18.89 13.29
CA LEU B 224 8.52 17.49 13.56
C LEU B 224 7.27 16.68 13.85
N VAL B 225 6.15 17.37 14.11
CA VAL B 225 4.95 16.68 14.60
C VAL B 225 4.31 15.73 13.60
N GLU B 226 4.08 16.20 12.38
CA GLU B 226 3.40 15.36 11.40
C GLU B 226 4.30 14.19 10.96
N THR B 227 5.58 14.47 10.73
CA THR B 227 6.50 13.44 10.26
C THR B 227 6.76 12.41 11.34
N ALA B 228 6.87 12.86 12.58
CA ALA B 228 7.02 11.95 13.73
C ALA B 228 5.78 11.09 13.95
N GLU B 229 4.61 11.64 13.71
CA GLU B 229 3.37 10.88 13.81
C GLU B 229 3.33 9.76 12.76
N ARG B 230 3.87 10.03 11.58
CA ARG B 230 3.97 9.01 10.55
C ARG B 230 5.04 7.99 10.94
N GLU B 231 6.19 8.48 11.41
CA GLU B 231 7.32 7.63 11.78
C GLU B 231 6.98 6.61 12.88
N PHE B 232 6.35 7.09 13.95
CA PHE B 232 6.09 6.26 15.11
C PHE B 232 4.72 5.60 15.06
N GLY B 233 3.81 6.17 14.30
CA GLY B 233 2.48 5.58 14.14
C GLY B 233 1.61 5.79 15.36
N ILE B 234 1.98 6.74 16.21
CA ILE B 234 1.15 7.11 17.35
C ILE B 234 0.97 8.63 17.36
N PRO B 235 -0.07 9.14 18.03
CA PRO B 235 -0.23 10.59 18.09
C PRO B 235 0.97 11.27 18.75
N VAL B 236 1.32 12.43 18.20
CA VAL B 236 2.43 13.21 18.72
C VAL B 236 1.88 14.59 18.99
N LEU B 237 2.28 15.15 20.12
CA LEU B 237 1.86 16.49 20.49
C LEU B 237 2.99 17.19 21.25
N SER B 238 2.92 18.52 21.34
CA SER B 238 3.86 19.29 22.14
C SER B 238 3.06 20.17 23.10
N ALA B 239 3.75 20.82 24.05
CA ALA B 239 3.12 21.86 24.85
C ALA B 239 2.38 22.86 23.94
N ALA B 240 3.03 23.26 22.83
CA ALA B 240 2.42 24.21 21.87
C ALA B 240 1.18 23.70 21.13
N THR B 241 1.21 22.47 20.60
CA THR B 241 0.05 21.97 19.87
C THR B 241 -1.13 21.77 20.84
N ALA B 242 -0.82 21.33 22.06
CA ALA B 242 -1.81 21.17 23.12
C ALA B 242 -2.44 22.51 23.53
N GLY B 243 -1.62 23.57 23.58
CA GLY B 243 -2.10 24.93 23.82
C GLY B 243 -3.08 25.38 22.74
N ALA B 244 -2.71 25.14 21.48
CA ALA B 244 -3.58 25.44 20.34
C ALA B 244 -4.90 24.67 20.41
N TYR B 245 -4.82 23.39 20.77
CA TYR B 245 -6.02 22.55 20.94
C TYR B 245 -6.90 23.17 22.02
N SER B 246 -6.30 23.45 23.18
CA SER B 246 -6.99 24.05 24.29
C SER B 246 -7.64 25.41 23.94
N ILE B 247 -6.89 26.24 23.22
CA ILE B 247 -7.36 27.54 22.78
C ILE B 247 -8.58 27.37 21.86
N LEU B 248 -8.47 26.46 20.89
CA LEU B 248 -9.56 26.17 19.97
C LEU B 248 -10.82 25.72 20.70
N ARG B 249 -10.66 24.79 21.63
CA ARG B 249 -11.78 24.35 22.47
C ARG B 249 -12.38 25.50 23.26
N SER B 250 -11.53 26.36 23.84
CA SER B 250 -12.00 27.44 24.71
C SER B 250 -12.82 28.53 23.98
N LEU B 251 -12.60 28.64 22.68
CA LEU B 251 -13.25 29.65 21.86
C LEU B 251 -14.42 29.06 21.08
N ASP B 252 -14.79 27.83 21.40
CA ASP B 252 -15.82 27.07 20.66
C ASP B 252 -15.58 27.06 19.16
N LEU B 253 -14.34 26.77 18.79
CA LEU B 253 -13.92 26.66 17.41
C LEU B 253 -13.68 25.19 17.06
N PRO B 254 -14.03 24.79 15.83
CA PRO B 254 -13.77 23.42 15.39
C PRO B 254 -12.27 23.16 15.39
N VAL B 255 -11.84 22.03 15.95
CA VAL B 255 -10.42 21.70 15.90
C VAL B 255 -10.19 20.90 14.63
N ALA B 256 -9.85 21.63 13.58
CA ALA B 256 -9.75 21.08 12.23
C ALA B 256 -8.64 21.81 11.51
N VAL B 257 -7.44 21.67 12.07
CA VAL B 257 -6.26 22.37 11.58
C VAL B 257 -5.24 21.35 11.12
N PRO B 258 -4.88 21.39 9.81
CA PRO B 258 -3.87 20.49 9.26
C PRO B 258 -2.45 20.84 9.71
N GLY B 259 -1.56 19.85 9.67
CA GLY B 259 -0.12 20.06 9.84
C GLY B 259 0.39 20.10 11.27
N ALA B 260 -0.36 19.52 12.20
CA ALA B 260 -0.07 19.65 13.63
C ALA B 260 -0.45 18.38 14.40
N GLY B 261 -0.49 17.26 13.68
CA GLY B 261 -0.86 15.97 14.27
C GLY B 261 -2.37 15.77 14.32
N ARG B 262 -2.79 14.56 14.63
CA ARG B 262 -4.23 14.23 14.59
C ARG B 262 -5.02 14.83 15.75
N LEU B 263 -4.34 15.17 16.85
CA LEU B 263 -5.01 15.90 17.92
C LEU B 263 -5.69 17.16 17.39
N LEU B 264 -5.01 17.88 16.49
CA LEU B 264 -5.52 19.14 15.96
C LEU B 264 -6.58 19.01 14.87
N ARG B 265 -6.90 17.78 14.48
CA ARG B 265 -7.98 17.60 13.52
C ARG B 265 -9.05 16.58 13.95
N GLN B 266 -9.38 16.60 15.23
CA GLN B 266 -10.48 15.82 15.79
C GLN B 266 -11.82 16.15 15.14
N ASP B 267 -11.96 17.35 14.60
CA ASP B 267 -13.21 17.80 13.99
C ASP B 267 -13.22 17.81 12.45
N SER B 268 -12.08 17.57 11.79
CA SER B 268 -12.08 17.50 10.32
C SER B 268 -12.43 16.10 9.82
N GLY C 24 4.97 33.37 -16.43
CA GLY C 24 5.99 33.84 -17.41
C GLY C 24 6.40 32.76 -18.39
N ILE C 25 7.42 33.08 -19.19
CA ILE C 25 7.99 32.15 -20.16
C ILE C 25 8.62 30.97 -19.42
N ARG C 26 8.30 29.76 -19.85
CA ARG C 26 8.89 28.56 -19.24
C ARG C 26 10.21 28.16 -19.92
N ARG C 27 11.32 28.29 -19.20
CA ARG C 27 12.67 28.03 -19.76
C ARG C 27 13.04 26.56 -19.77
N ILE C 28 13.41 26.06 -20.95
CA ILE C 28 13.76 24.66 -21.17
C ILE C 28 15.22 24.56 -21.59
N GLY C 29 16.01 23.80 -20.82
CA GLY C 29 17.41 23.55 -21.14
C GLY C 29 17.55 22.32 -22.01
N LEU C 30 18.35 22.41 -23.06
CA LEU C 30 18.57 21.30 -23.95
C LEU C 30 20.05 20.91 -24.02
N VAL C 31 20.36 19.64 -23.72
CA VAL C 31 21.72 19.14 -23.88
C VAL C 31 21.72 18.27 -25.12
N VAL C 32 22.46 18.70 -26.15
CA VAL C 32 22.37 18.08 -27.47
C VAL C 32 23.72 17.68 -28.09
N PRO C 33 23.70 16.65 -28.95
CA PRO C 33 24.90 16.37 -29.73
C PRO C 33 25.17 17.56 -30.65
N SER C 34 26.45 17.89 -30.85
CA SER C 34 26.82 19.10 -31.54
C SER C 34 26.22 19.16 -32.95
N SER C 35 26.15 18.00 -33.59
CA SER C 35 25.65 17.90 -34.96
C SER C 35 24.12 17.82 -35.01
N ASN C 36 23.48 17.69 -33.86
CA ASN C 36 22.02 17.61 -33.84
C ASN C 36 21.37 18.94 -34.17
N VAL C 37 20.48 18.93 -35.16
CA VAL C 37 19.66 20.10 -35.51
C VAL C 37 18.16 19.83 -35.33
N THR C 38 17.77 18.57 -35.18
CA THR C 38 16.35 18.23 -35.18
C THR C 38 15.64 18.52 -33.84
N VAL C 39 16.28 18.29 -32.70
CA VAL C 39 15.61 18.62 -31.42
C VAL C 39 15.39 20.13 -31.22
N GLU C 40 16.30 20.95 -31.73
CA GLU C 40 16.17 22.40 -31.59
C GLU C 40 15.16 22.94 -32.59
N THR C 41 14.80 22.12 -33.56
CA THR C 41 13.77 22.49 -34.51
C THR C 41 12.40 21.98 -34.04
N GLU C 42 12.34 20.69 -33.71
CA GLU C 42 11.06 20.04 -33.44
C GLU C 42 10.44 20.40 -32.10
N MET C 43 11.28 20.56 -31.08
CA MET C 43 10.78 20.84 -29.74
C MET C 43 10.03 22.19 -29.66
N PRO C 44 10.63 23.28 -30.19
CA PRO C 44 9.90 24.55 -30.23
C PRO C 44 8.71 24.51 -31.15
N ALA C 45 8.83 23.78 -32.26
CA ALA C 45 7.71 23.63 -33.20
C ALA C 45 6.52 22.97 -32.49
N LEU C 46 6.83 21.94 -31.70
CA LEU C 46 5.85 21.22 -30.89
C LEU C 46 5.22 22.07 -29.81
N LEU C 47 6.05 22.66 -28.97
CA LEU C 47 5.55 23.36 -27.79
C LEU C 47 4.96 24.76 -28.05
N SER C 48 5.24 25.33 -29.22
CA SER C 48 4.61 26.58 -29.64
C SER C 48 3.12 26.42 -29.96
N ARG C 49 2.65 25.17 -30.05
CA ARG C 49 1.24 24.86 -30.32
CA ARG C 49 1.24 24.87 -30.32
C ARG C 49 0.41 24.80 -29.03
N HIS C 50 1.09 24.71 -27.89
CA HIS C 50 0.42 24.67 -26.60
C HIS C 50 -0.37 25.96 -26.42
N PRO C 51 -1.70 25.86 -26.18
CA PRO C 51 -2.56 27.03 -26.10
C PRO C 51 -2.44 27.83 -24.80
N GLY C 52 -1.91 27.22 -23.74
CA GLY C 52 -1.89 27.87 -22.43
C GLY C 52 -0.53 28.10 -21.78
N ALA C 53 0.55 27.98 -22.57
CA ALA C 53 1.91 28.16 -22.06
C ALA C 53 2.84 28.66 -23.15
N GLU C 54 3.84 29.45 -22.76
CA GLU C 54 4.92 29.89 -23.65
C GLU C 54 6.29 29.42 -23.16
N PHE C 55 7.16 29.11 -24.12
CA PHE C 55 8.45 28.48 -23.86
C PHE C 55 9.61 29.18 -24.54
N SER C 56 10.78 29.12 -23.91
CA SER C 56 12.04 29.45 -24.56
C SER C 56 12.99 28.27 -24.43
N PHE C 57 13.92 28.14 -25.38
CA PHE C 57 14.83 26.99 -25.46
C PHE C 57 16.29 27.42 -25.47
N HIS C 58 17.10 26.70 -24.71
CA HIS C 58 18.47 27.11 -24.43
C HIS C 58 19.34 25.87 -24.46
N SER C 59 20.37 25.89 -25.31
CA SER C 59 21.15 24.69 -25.60
C SER C 59 22.56 24.73 -25.10
N THR C 60 23.06 23.54 -24.79
CA THR C 60 24.48 23.28 -24.63
C THR C 60 24.86 22.07 -25.53
N ARG C 61 26.06 22.09 -26.09
CA ARG C 61 26.44 21.07 -27.07
C ARG C 61 27.54 20.15 -26.57
N MET C 62 27.43 18.86 -26.90
CA MET C 62 28.48 17.88 -26.67
C MET C 62 28.88 17.28 -28.01
N ARG C 63 30.17 17.25 -28.33
CA ARG C 63 30.57 16.93 -29.70
C ARG C 63 30.31 15.49 -30.16
N MET C 64 29.67 15.36 -31.34
CA MET C 64 29.66 14.13 -32.15
C MET C 64 28.92 14.30 -33.50
N HIS C 65 29.33 13.50 -34.50
CA HIS C 65 28.72 13.48 -35.84
C HIS C 65 28.67 12.05 -36.45
N THR C 66 29.31 11.09 -35.78
CA THR C 66 29.20 9.68 -36.13
C THR C 66 28.50 8.92 -35.02
N VAL C 67 27.35 8.31 -35.37
CA VAL C 67 26.50 7.63 -34.41
C VAL C 67 26.98 6.20 -34.22
N SER C 68 27.99 6.07 -33.36
CA SER C 68 28.69 4.82 -33.10
C SER C 68 28.94 4.69 -31.58
N PRO C 69 29.17 3.46 -31.08
CA PRO C 69 29.57 3.32 -29.66
C PRO C 69 30.74 4.25 -29.27
N GLU C 70 31.80 4.24 -30.08
CA GLU C 70 32.93 5.16 -29.93
C GLU C 70 32.50 6.64 -29.99
N GLY C 71 31.73 7.00 -31.03
CA GLY C 71 31.25 8.38 -31.20
C GLY C 71 30.35 8.83 -30.05
N LEU C 72 29.47 7.94 -29.61
CA LEU C 72 28.56 8.16 -28.46
C LEU C 72 29.27 8.21 -27.11
N ALA C 73 30.26 7.33 -26.90
CA ALA C 73 31.09 7.37 -25.68
C ALA C 73 31.85 8.69 -25.58
N ALA C 74 32.48 9.11 -26.69
CA ALA C 74 33.16 10.41 -26.76
C ALA C 74 32.22 11.58 -26.44
N MET C 75 30.97 11.46 -26.87
CA MET C 75 29.96 12.49 -26.63
C MET C 75 29.50 12.55 -25.17
N ASN C 76 29.26 11.38 -24.58
CA ASN C 76 28.84 11.25 -23.18
C ASN C 76 29.82 11.87 -22.16
N ALA C 77 31.12 11.66 -22.38
CA ALA C 77 32.16 12.25 -21.52
C ALA C 77 32.06 13.79 -21.32
N GLN C 78 31.24 14.45 -22.14
CA GLN C 78 31.10 15.92 -22.08
C GLN C 78 29.96 16.38 -21.16
N ARG C 79 29.26 15.43 -20.54
CA ARG C 79 28.07 15.75 -19.73
C ARG C 79 28.25 16.80 -18.64
N GLU C 80 29.28 16.63 -17.80
CA GLU C 80 29.49 17.52 -16.66
C GLU C 80 29.75 18.98 -17.09
N ARG C 81 30.53 19.14 -18.16
CA ARG C 81 30.74 20.45 -18.74
C ARG C 81 29.40 21.06 -19.19
N CYS C 82 28.62 20.28 -19.94
CA CYS C 82 27.35 20.78 -20.48
C CYS C 82 26.36 21.20 -19.40
N VAL C 83 26.32 20.44 -18.29
CA VAL C 83 25.44 20.71 -17.16
C VAL C 83 25.76 22.06 -16.50
N LEU C 84 27.04 22.37 -16.35
CA LEU C 84 27.47 23.64 -15.77
C LEU C 84 27.09 24.83 -16.65
N GLU C 85 27.23 24.66 -17.97
CA GLU C 85 26.83 25.70 -18.93
C GLU C 85 25.35 25.99 -18.84
N ILE C 86 24.52 24.96 -18.93
CA ILE C 86 23.07 25.16 -19.00
C ILE C 86 22.45 25.58 -17.66
N ALA C 87 23.06 25.13 -16.55
CA ALA C 87 22.58 25.52 -15.22
C ALA C 87 22.64 27.03 -15.04
N ASP C 88 23.66 27.67 -15.62
CA ASP C 88 23.78 29.14 -15.64
C ASP C 88 22.54 29.89 -16.19
N ALA C 89 21.77 29.23 -17.05
CA ALA C 89 20.59 29.82 -17.64
C ALA C 89 19.33 29.63 -16.79
N ALA C 90 19.50 28.97 -15.64
CA ALA C 90 18.40 28.66 -14.70
C ALA C 90 17.14 28.13 -15.39
N PRO C 91 17.27 27.07 -16.19
CA PRO C 91 16.07 26.53 -16.82
C PRO C 91 15.19 25.82 -15.79
N GLU C 92 13.92 25.61 -16.11
CA GLU C 92 13.04 24.89 -15.20
C GLU C 92 13.26 23.37 -15.31
N VAL C 93 13.42 22.88 -16.55
CA VAL C 93 13.77 21.51 -16.82
C VAL C 93 14.93 21.47 -17.77
N ILE C 94 15.77 20.46 -17.62
CA ILE C 94 16.84 20.16 -18.55
C ILE C 94 16.56 18.81 -19.20
N LEU C 95 16.55 18.80 -20.53
CA LEU C 95 16.40 17.56 -21.29
C LEU C 95 17.74 17.07 -21.83
N TYR C 96 18.14 15.87 -21.38
CA TYR C 96 19.33 15.21 -21.90
C TYR C 96 18.96 14.48 -23.21
N ALA C 97 19.32 15.07 -24.35
CA ALA C 97 18.59 14.81 -25.58
C ALA C 97 18.93 13.58 -26.43
N CYS C 98 20.16 13.08 -26.41
CA CYS C 98 20.42 11.88 -27.25
C CYS C 98 20.03 10.55 -26.63
N LEU C 99 19.11 9.90 -27.33
CA LEU C 99 18.54 8.61 -26.98
C LEU C 99 19.61 7.51 -26.90
N VAL C 100 20.25 7.23 -28.04
CA VAL C 100 21.14 6.06 -28.15
C VAL C 100 22.37 6.19 -27.23
N ALA C 101 22.72 7.42 -26.90
CA ALA C 101 23.81 7.71 -25.97
C ALA C 101 23.59 7.08 -24.59
N VAL C 102 22.34 7.05 -24.16
CA VAL C 102 21.97 6.44 -22.88
C VAL C 102 21.60 4.96 -23.05
N MET C 103 20.82 4.66 -24.09
CA MET C 103 20.31 3.29 -24.34
C MET C 103 21.41 2.27 -24.63
N VAL C 104 22.59 2.75 -25.00
CA VAL C 104 23.75 1.90 -25.22
C VAL C 104 24.26 1.35 -23.88
N GLY C 105 23.92 2.01 -22.78
CA GLY C 105 24.49 1.73 -21.47
C GLY C 105 23.93 0.61 -20.58
N GLY C 106 23.01 -0.21 -21.06
CA GLY C 106 22.57 -1.32 -20.20
C GLY C 106 21.45 -0.95 -19.23
N PRO C 107 20.78 -1.98 -18.63
CA PRO C 107 19.46 -1.79 -18.01
C PRO C 107 19.38 -0.63 -17.01
N GLY C 108 18.44 0.27 -17.24
CA GLY C 108 18.18 1.39 -16.35
C GLY C 108 19.25 2.49 -16.35
N GLU C 109 20.06 2.55 -17.41
CA GLU C 109 21.07 3.59 -17.53
C GLU C 109 20.46 4.98 -17.39
N HIS C 110 19.26 5.17 -17.96
CA HIS C 110 18.64 6.50 -17.91
C HIS C 110 18.43 7.01 -16.49
N HIS C 111 18.06 6.14 -15.55
CA HIS C 111 17.94 6.52 -14.13
C HIS C 111 19.27 7.01 -13.56
N ARG C 112 20.34 6.34 -13.94
CA ARG C 112 21.67 6.68 -13.48
C ARG C 112 22.20 8.02 -14.02
N VAL C 113 21.99 8.24 -15.29
CA VAL C 113 22.40 9.49 -15.94
C VAL C 113 21.56 10.66 -15.38
N GLU C 114 20.25 10.43 -15.25
CA GLU C 114 19.35 11.44 -14.70
C GLU C 114 19.71 11.80 -13.26
N SER C 115 19.99 10.81 -12.43
CA SER C 115 20.40 11.12 -11.06
C SER C 115 21.83 11.70 -10.99
N ALA C 116 22.68 11.33 -11.93
CA ALA C 116 24.03 11.92 -12.00
C ALA C 116 23.99 13.42 -12.38
N VAL C 117 23.09 13.79 -13.29
CA VAL C 117 22.85 15.20 -13.62
C VAL C 117 22.22 15.92 -12.42
N ALA C 118 21.18 15.30 -11.84
CA ALA C 118 20.51 15.84 -10.67
C ALA C 118 21.46 16.12 -9.50
N GLU C 119 22.40 15.22 -9.26
CA GLU C 119 23.39 15.43 -8.19
C GLU C 119 24.32 16.61 -8.50
N GLN C 120 24.76 16.73 -9.75
CA GLN C 120 25.59 17.86 -10.16
C GLN C 120 24.85 19.20 -10.02
N LEU C 121 23.60 19.25 -10.49
CA LEU C 121 22.75 20.43 -10.37
C LEU C 121 22.54 20.89 -8.93
N ALA C 122 22.24 19.93 -8.04
CA ALA C 122 21.90 20.18 -6.65
C ALA C 122 23.06 20.79 -5.87
N THR C 123 24.27 20.33 -6.18
CA THR C 123 25.49 20.80 -5.51
C THR C 123 25.98 22.15 -6.08
N GLY C 124 25.43 22.54 -7.22
CA GLY C 124 25.63 23.90 -7.77
C GLY C 124 24.47 24.82 -7.41
N GLY C 125 23.53 24.30 -6.62
CA GLY C 125 22.36 25.06 -6.15
C GLY C 125 21.26 25.31 -7.18
N SER C 126 21.23 24.50 -8.23
CA SER C 126 20.29 24.72 -9.30
C SER C 126 18.81 24.39 -9.06
N GLN C 127 18.51 23.21 -8.61
CA GLN C 127 17.12 22.87 -8.39
C GLN C 127 16.24 22.61 -9.67
N ALA C 128 16.81 22.86 -10.84
CA ALA C 128 16.18 22.53 -12.12
C ALA C 128 15.89 21.03 -12.25
N LEU C 129 14.79 20.69 -12.92
CA LEU C 129 14.41 19.29 -13.13
C LEU C 129 15.18 18.66 -14.28
N VAL C 130 15.28 17.33 -14.25
CA VAL C 130 16.04 16.59 -15.25
C VAL C 130 15.17 15.55 -15.91
N ARG C 131 15.18 15.54 -17.24
CA ARG C 131 14.58 14.45 -18.00
C ARG C 131 15.56 14.02 -19.09
N SER C 132 15.42 12.79 -19.57
CA SER C 132 16.22 12.37 -20.71
C SER C 132 15.29 11.90 -21.82
N SER C 133 15.74 11.97 -23.06
CA SER C 133 14.96 11.41 -24.15
C SER C 133 14.73 9.90 -23.97
N ALA C 134 15.72 9.20 -23.42
CA ALA C 134 15.56 7.77 -23.11
C ALA C 134 14.43 7.51 -22.09
N GLY C 135 14.48 8.21 -20.94
CA GLY C 135 13.44 8.06 -19.92
C GLY C 135 12.09 8.59 -20.38
N ALA C 136 12.12 9.69 -21.14
CA ALA C 136 10.91 10.27 -21.72
C ALA C 136 10.20 9.29 -22.68
N LEU C 137 10.97 8.57 -23.48
CA LEU C 137 10.37 7.57 -24.38
C LEU C 137 9.62 6.49 -23.59
N VAL C 138 10.25 5.98 -22.54
CA VAL C 138 9.62 4.97 -21.67
C VAL C 138 8.36 5.56 -21.03
N GLU C 139 8.46 6.80 -20.57
CA GLU C 139 7.37 7.51 -19.92
C GLU C 139 6.17 7.70 -20.87
N GLY C 140 6.46 8.14 -22.10
CA GLY C 140 5.43 8.30 -23.13
C GLY C 140 4.76 6.98 -23.49
N LEU C 141 5.57 5.92 -23.64
CA LEU C 141 5.03 4.60 -23.92
C LEU C 141 4.15 4.09 -22.78
N ARG C 142 4.60 4.27 -21.54
CA ARG C 142 3.79 3.90 -20.37
C ARG C 142 2.47 4.68 -20.34
N ALA C 143 2.53 5.96 -20.69
CA ALA C 143 1.34 6.83 -20.75
C ALA C 143 0.29 6.31 -21.71
N LEU C 144 0.75 5.68 -22.79
CA LEU C 144 -0.11 5.10 -23.81
C LEU C 144 -0.55 3.69 -23.46
N ASP C 145 -0.12 3.22 -22.29
CA ASP C 145 -0.37 1.86 -21.84
C ASP C 145 0.10 0.83 -22.89
N ALA C 146 1.28 1.06 -23.44
CA ALA C 146 1.82 0.25 -24.53
C ALA C 146 2.57 -0.97 -23.99
N GLN C 147 2.30 -2.15 -24.55
CA GLN C 147 3.15 -3.30 -24.25
C GLN C 147 3.95 -3.74 -25.47
N ARG C 148 3.27 -3.97 -26.57
CA ARG C 148 3.93 -4.35 -27.81
C ARG C 148 4.24 -3.08 -28.60
N VAL C 149 5.50 -2.92 -28.98
CA VAL C 149 6.01 -1.69 -29.53
C VAL C 149 6.81 -1.97 -30.83
N ALA C 150 6.69 -1.08 -31.81
CA ALA C 150 7.43 -1.20 -33.06
C ALA C 150 8.28 0.05 -33.22
N LEU C 151 9.48 -0.11 -33.78
CA LEU C 151 10.44 0.99 -33.87
C LEU C 151 10.96 1.27 -35.26
N VAL C 152 11.14 2.54 -35.58
CA VAL C 152 11.90 2.96 -36.75
C VAL C 152 13.08 3.78 -36.25
N THR C 153 14.28 3.42 -36.70
CA THR C 153 15.50 4.04 -36.23
C THR C 153 16.42 4.32 -37.43
N PRO C 154 17.30 5.32 -37.30
CA PRO C 154 18.28 5.61 -38.35
C PRO C 154 19.59 4.84 -38.16
N TYR C 155 19.70 4.13 -37.04
CA TYR C 155 20.99 3.60 -36.61
C TYR C 155 21.49 2.48 -37.51
N MET C 156 22.81 2.28 -37.48
CA MET C 156 23.38 1.02 -37.92
C MET C 156 22.74 -0.08 -37.08
N ARG C 157 22.59 -1.26 -37.69
CA ARG C 157 21.92 -2.38 -37.03
C ARG C 157 22.42 -2.73 -35.62
N PRO C 158 23.75 -2.75 -35.37
CA PRO C 158 24.16 -3.14 -34.01
C PRO C 158 23.71 -2.15 -32.94
N LEU C 159 23.70 -0.86 -33.26
CA LEU C 159 23.18 0.14 -32.34
C LEU C 159 21.67 0.04 -32.14
N ALA C 160 20.95 -0.21 -33.23
CA ALA C 160 19.50 -0.43 -33.16
C ALA C 160 19.19 -1.64 -32.27
N GLU C 161 20.00 -2.69 -32.37
CA GLU C 161 19.82 -3.89 -31.54
C GLU C 161 20.00 -3.60 -30.05
N LYS C 162 20.95 -2.72 -29.71
CA LYS C 162 21.15 -2.25 -28.34
C LYS C 162 19.94 -1.46 -27.82
N VAL C 163 19.36 -0.64 -28.68
CA VAL C 163 18.16 0.11 -28.35
C VAL C 163 16.95 -0.81 -28.09
N VAL C 164 16.75 -1.78 -28.97
CA VAL C 164 15.74 -2.84 -28.77
C VAL C 164 15.95 -3.51 -27.42
N ALA C 165 17.18 -3.96 -27.15
CA ALA C 165 17.47 -4.68 -25.92
C ALA C 165 17.23 -3.78 -24.70
N TYR C 166 17.53 -2.49 -24.84
CA TYR C 166 17.23 -1.52 -23.77
C TYR C 166 15.73 -1.42 -23.42
N LEU C 167 14.88 -1.25 -24.44
CA LEU C 167 13.42 -1.16 -24.24
C LEU C 167 12.83 -2.47 -23.73
N GLU C 168 13.44 -3.59 -24.11
CA GLU C 168 13.02 -4.89 -23.59
C GLU C 168 13.32 -4.99 -22.08
N ALA C 169 14.50 -4.52 -21.68
CA ALA C 169 14.87 -4.42 -20.26
C ALA C 169 13.94 -3.49 -19.48
N GLU C 170 13.34 -2.52 -20.18
CA GLU C 170 12.34 -1.64 -19.58
C GLU C 170 10.96 -2.30 -19.47
N GLY C 171 10.80 -3.48 -20.05
CA GLY C 171 9.56 -4.25 -19.90
C GLY C 171 8.70 -4.35 -21.16
N PHE C 172 9.09 -3.64 -22.20
CA PHE C 172 8.36 -3.67 -23.47
C PHE C 172 8.67 -4.91 -24.29
N THR C 173 7.74 -5.26 -25.17
CA THR C 173 7.97 -6.29 -26.18
C THR C 173 8.15 -5.62 -27.54
N ILE C 174 9.35 -5.72 -28.10
CA ILE C 174 9.61 -5.12 -29.39
C ILE C 174 9.29 -6.15 -30.47
N SER C 175 8.14 -5.98 -31.12
CA SER C 175 7.68 -7.03 -32.01
C SER C 175 8.24 -6.89 -33.43
N ASP C 176 8.56 -5.67 -33.85
CA ASP C 176 9.25 -5.44 -35.10
C ASP C 176 10.00 -4.12 -35.03
N TRP C 177 11.10 -4.03 -35.75
CA TRP C 177 11.85 -2.78 -35.82
C TRP C 177 12.59 -2.67 -37.15
N ARG C 178 12.88 -1.42 -37.53
CA ARG C 178 13.69 -1.14 -38.71
C ARG C 178 14.88 -0.24 -38.38
N ALA C 179 15.99 -0.48 -39.05
CA ALA C 179 17.17 0.34 -38.93
C ALA C 179 17.55 0.80 -40.33
N LEU C 180 17.61 2.12 -40.54
CA LEU C 180 17.95 2.68 -41.85
C LEU C 180 19.45 2.62 -42.14
N GLU C 181 20.26 2.44 -41.10
CA GLU C 181 21.72 2.33 -41.21
C GLU C 181 22.41 3.55 -41.83
N VAL C 182 22.14 4.71 -41.22
CA VAL C 182 22.82 5.95 -41.58
C VAL C 182 23.68 6.38 -40.39
N ALA C 183 24.99 6.14 -40.49
CA ALA C 183 25.94 6.37 -39.38
C ALA C 183 26.26 7.85 -39.18
N ASP C 184 26.31 8.59 -40.28
CA ASP C 184 26.66 10.00 -40.26
C ASP C 184 25.47 10.88 -39.83
N ASN C 185 25.58 11.45 -38.63
CA ASN C 185 24.49 12.24 -38.03
C ASN C 185 23.98 13.36 -38.92
N THR C 186 24.85 13.98 -39.72
CA THR C 186 24.41 15.04 -40.64
C THR C 186 23.42 14.50 -41.69
N GLU C 187 23.74 13.34 -42.26
CA GLU C 187 22.82 12.65 -43.18
C GLU C 187 21.53 12.25 -42.45
N VAL C 188 21.64 11.75 -41.21
CA VAL C 188 20.44 11.40 -40.41
C VAL C 188 19.43 12.56 -40.35
N GLY C 189 19.94 13.78 -40.13
CA GLY C 189 19.14 15.00 -40.08
C GLY C 189 18.39 15.36 -41.36
N CYS C 190 18.80 14.77 -42.48
CA CYS C 190 18.18 15.01 -43.79
C CYS C 190 17.34 13.86 -44.32
N ILE C 191 17.11 12.84 -43.50
CA ILE C 191 16.31 11.70 -43.93
C ILE C 191 14.91 12.18 -44.31
N PRO C 192 14.48 11.91 -45.56
CA PRO C 192 13.18 12.42 -46.02
C PRO C 192 12.03 11.64 -45.38
N GLY C 193 10.92 12.33 -45.16
CA GLY C 193 9.72 11.73 -44.57
C GLY C 193 9.20 10.48 -45.28
N GLU C 194 9.36 10.42 -46.60
CA GLU C 194 8.92 9.25 -47.37
C GLU C 194 9.74 8.00 -47.03
N GLN C 195 11.03 8.19 -46.74
CA GLN C 195 11.91 7.12 -46.31
C GLN C 195 11.46 6.53 -44.96
N VAL C 196 11.18 7.41 -44.00
CA VAL C 196 10.67 7.00 -42.70
C VAL C 196 9.32 6.30 -42.85
N MET C 197 8.42 6.88 -43.64
CA MET C 197 7.09 6.31 -43.84
C MET C 197 7.10 4.94 -44.54
N ALA C 198 8.01 4.81 -45.52
CA ALA C 198 8.23 3.53 -46.19
C ALA C 198 8.73 2.46 -45.23
N ALA C 199 9.62 2.83 -44.29
CA ALA C 199 10.11 1.88 -43.31
C ALA C 199 8.99 1.47 -42.34
N ALA C 200 8.17 2.45 -41.95
CA ALA C 200 7.04 2.19 -41.07
C ALA C 200 5.97 1.31 -41.73
N ARG C 201 5.69 1.57 -43.01
CA ARG C 201 4.75 0.74 -43.79
C ARG C 201 5.19 -0.72 -43.99
N SER C 202 6.50 -0.97 -43.89
CA SER C 202 7.04 -2.32 -44.04
C SER C 202 7.01 -3.15 -42.75
N LEU C 203 6.72 -2.48 -41.63
CA LEU C 203 6.60 -3.16 -40.34
C LEU C 203 5.33 -3.99 -40.22
N ASP C 204 5.42 -5.11 -39.52
CA ASP C 204 4.21 -5.85 -39.15
C ASP C 204 3.63 -5.17 -37.90
N LEU C 205 2.50 -4.49 -38.09
CA LEU C 205 1.91 -3.73 -37.00
C LEU C 205 0.69 -4.38 -36.39
N SER C 206 0.33 -5.59 -36.84
CA SER C 206 -0.86 -6.25 -36.29
C SER C 206 -0.58 -6.55 -34.83
N GLU C 207 -1.53 -6.22 -33.97
CA GLU C 207 -1.37 -6.35 -32.52
C GLU C 207 -0.17 -5.57 -31.92
N VAL C 208 0.31 -4.54 -32.62
CA VAL C 208 1.24 -3.59 -32.01
C VAL C 208 0.41 -2.49 -31.33
N ASP C 209 0.83 -2.07 -30.13
CA ASP C 209 0.12 -1.05 -29.35
C ASP C 209 0.53 0.38 -29.70
N ALA C 210 1.82 0.57 -30.01
CA ALA C 210 2.36 1.90 -30.33
C ALA C 210 3.52 1.83 -31.32
N LEU C 211 3.65 2.84 -32.16
CA LEU C 211 4.78 2.95 -33.08
C LEU C 211 5.65 4.15 -32.74
N VAL C 212 6.92 3.88 -32.44
CA VAL C 212 7.90 4.94 -32.31
C VAL C 212 8.46 5.17 -33.70
N ILE C 213 7.99 6.23 -34.34
CA ILE C 213 8.31 6.46 -35.73
C ILE C 213 9.73 7.01 -35.90
N SER C 214 10.26 7.61 -34.84
CA SER C 214 11.66 7.92 -34.77
C SER C 214 12.18 7.75 -33.35
N CYS C 215 12.98 6.72 -33.14
CA CYS C 215 13.71 6.57 -31.87
C CYS C 215 14.78 7.62 -31.61
N ALA C 216 15.38 8.14 -32.66
CA ALA C 216 16.48 9.05 -32.50
C ALA C 216 15.92 10.45 -32.28
N VAL C 217 16.78 11.40 -31.92
CA VAL C 217 16.33 12.80 -31.92
C VAL C 217 16.82 13.57 -33.13
N GLN C 218 17.70 12.96 -33.93
CA GLN C 218 18.18 13.61 -35.13
C GLN C 218 17.29 13.29 -36.32
N MET C 219 16.75 12.07 -36.37
CA MET C 219 15.87 11.70 -37.48
C MET C 219 14.55 12.50 -37.43
N PRO C 220 14.32 13.36 -38.44
CA PRO C 220 13.11 14.18 -38.38
C PRO C 220 11.85 13.33 -38.56
N SER C 221 10.76 13.71 -37.89
CA SER C 221 9.51 12.96 -38.00
C SER C 221 8.26 13.75 -37.63
N LEU C 222 8.43 14.96 -37.08
CA LEU C 222 7.28 15.74 -36.62
C LEU C 222 6.13 15.82 -37.64
N PRO C 223 6.44 16.13 -38.92
CA PRO C 223 5.34 16.24 -39.89
C PRO C 223 4.58 14.92 -40.12
N LEU C 224 5.15 13.83 -39.62
CA LEU C 224 4.65 12.46 -39.88
C LEU C 224 3.81 11.87 -38.76
N VAL C 225 4.03 12.36 -37.54
CA VAL C 225 3.42 11.74 -36.36
C VAL C 225 1.91 11.64 -36.45
N GLU C 226 1.23 12.78 -36.67
CA GLU C 226 -0.23 12.80 -36.72
C GLU C 226 -0.77 12.02 -37.90
N THR C 227 -0.14 12.14 -39.06
CA THR C 227 -0.63 11.45 -40.27
C THR C 227 -0.45 9.92 -40.17
N ALA C 228 0.70 9.48 -39.65
CA ALA C 228 0.97 8.06 -39.44
C ALA C 228 -0.01 7.42 -38.46
N GLU C 229 -0.32 8.14 -37.39
CA GLU C 229 -1.29 7.68 -36.39
C GLU C 229 -2.67 7.47 -37.02
N ARG C 230 -3.04 8.36 -37.94
CA ARG C 230 -4.29 8.20 -38.67
C ARG C 230 -4.20 7.05 -39.69
N GLU C 231 -3.06 6.92 -40.36
CA GLU C 231 -2.88 5.84 -41.32
C GLU C 231 -2.89 4.47 -40.63
N PHE C 232 -2.13 4.33 -39.54
CA PHE C 232 -1.92 3.02 -38.91
C PHE C 232 -2.97 2.63 -37.88
N GLY C 233 -3.69 3.62 -37.35
CA GLY C 233 -4.80 3.36 -36.44
C GLY C 233 -4.35 3.01 -35.03
N ILE C 234 -3.10 3.33 -34.73
CA ILE C 234 -2.52 3.13 -33.41
C ILE C 234 -1.70 4.35 -33.06
N PRO C 235 -1.44 4.58 -31.77
CA PRO C 235 -0.64 5.74 -31.34
C PRO C 235 0.76 5.77 -31.94
N VAL C 236 1.19 6.96 -32.33
CA VAL C 236 2.51 7.15 -32.88
C VAL C 236 3.21 8.22 -32.06
N LEU C 237 4.49 8.00 -31.81
CA LEU C 237 5.33 8.96 -31.08
C LEU C 237 6.76 8.92 -31.59
N SER C 238 7.57 9.91 -31.20
CA SER C 238 9.00 9.91 -31.48
C SER C 238 9.72 10.27 -30.19
N ALA C 239 11.04 10.20 -30.17
CA ALA C 239 11.79 10.66 -29.00
C ALA C 239 11.44 12.12 -28.72
N ALA C 240 11.27 12.90 -29.78
CA ALA C 240 10.89 14.32 -29.64
C ALA C 240 9.51 14.51 -28.99
N THR C 241 8.47 13.83 -29.49
CA THR C 241 7.12 14.02 -28.91
C THR C 241 7.03 13.48 -27.47
N ALA C 242 7.78 12.42 -27.18
CA ALA C 242 7.85 11.86 -25.82
C ALA C 242 8.54 12.87 -24.90
N GLY C 243 9.59 13.49 -25.41
CA GLY C 243 10.28 14.56 -24.70
C GLY C 243 9.35 15.73 -24.38
N ALA C 244 8.54 16.15 -25.36
CA ALA C 244 7.58 17.22 -25.16
C ALA C 244 6.56 16.84 -24.07
N TYR C 245 6.07 15.61 -24.14
CA TYR C 245 5.17 15.06 -23.13
C TYR C 245 5.78 15.14 -21.74
N SER C 246 7.01 14.62 -21.60
CA SER C 246 7.73 14.59 -20.33
C SER C 246 7.94 16.00 -19.76
N ILE C 247 8.35 16.92 -20.63
CA ILE C 247 8.60 18.31 -20.26
C ILE C 247 7.32 18.88 -19.67
N LEU C 248 6.21 18.72 -20.41
CA LEU C 248 4.90 19.18 -19.99
C LEU C 248 4.44 18.62 -18.64
N ARG C 249 4.63 17.32 -18.43
CA ARG C 249 4.28 16.71 -17.15
C ARG C 249 5.18 17.25 -16.04
N SER C 250 6.46 17.46 -16.37
CA SER C 250 7.44 17.91 -15.38
C SER C 250 7.12 19.33 -14.89
N LEU C 251 6.35 20.05 -15.68
CA LEU C 251 6.04 21.45 -15.38
C LEU C 251 4.61 21.65 -14.88
N ASP C 252 3.93 20.54 -14.57
CA ASP C 252 2.53 20.53 -14.17
C ASP C 252 1.70 21.37 -15.15
N LEU C 253 1.85 21.04 -16.43
CA LEU C 253 1.19 21.76 -17.50
C LEU C 253 0.28 20.78 -18.27
N PRO C 254 -0.90 21.25 -18.71
CA PRO C 254 -1.78 20.36 -19.46
C PRO C 254 -1.10 19.82 -20.71
N VAL C 255 -1.20 18.52 -20.97
CA VAL C 255 -0.72 18.02 -22.26
C VAL C 255 -1.87 18.15 -23.28
N ALA C 256 -1.85 19.28 -23.97
CA ALA C 256 -2.92 19.67 -24.88
C ALA C 256 -2.31 20.31 -26.13
N VAL C 257 -1.44 19.54 -26.79
CA VAL C 257 -0.70 19.99 -27.95
C VAL C 257 -1.22 19.23 -29.18
N PRO C 258 -1.89 19.95 -30.11
CA PRO C 258 -2.52 19.31 -31.28
C PRO C 258 -1.53 18.97 -32.40
N GLY C 259 -1.92 18.03 -33.26
CA GLY C 259 -1.19 17.72 -34.49
C GLY C 259 0.10 16.95 -34.31
N ALA C 260 0.18 16.18 -33.22
CA ALA C 260 1.41 15.45 -32.87
C ALA C 260 1.09 14.12 -32.17
N GLY C 261 -0.02 13.50 -32.58
CA GLY C 261 -0.43 12.22 -32.02
C GLY C 261 -1.15 12.36 -30.69
N ARG C 262 -1.96 11.36 -30.35
CA ARG C 262 -2.83 11.44 -29.17
C ARG C 262 -2.09 11.51 -27.83
N LEU C 263 -0.83 11.06 -27.81
CA LEU C 263 0.01 11.17 -26.62
C LEU C 263 0.05 12.61 -26.09
N LEU C 264 0.25 13.57 -27.00
CA LEU C 264 0.33 14.98 -26.62
C LEU C 264 -1.05 15.67 -26.37
N ARG C 265 -2.13 14.92 -26.54
CA ARG C 265 -3.48 15.45 -26.38
C ARG C 265 -4.26 14.82 -25.23
N GLN C 266 -3.53 14.22 -24.28
CA GLN C 266 -4.17 13.52 -23.15
C GLN C 266 -5.04 14.41 -22.23
N ASP C 267 -4.83 15.72 -22.30
CA ASP C 267 -5.58 16.68 -21.48
C ASP C 267 -6.44 17.67 -22.30
N SER C 268 -6.48 17.51 -23.62
CA SER C 268 -7.17 18.45 -24.53
C SER C 268 -8.65 18.70 -24.20
N GLY D 24 1.35 -22.89 16.06
CA GLY D 24 0.09 -22.60 16.81
C GLY D 24 -1.10 -22.48 15.89
N ILE D 25 -0.88 -21.91 14.70
CA ILE D 25 -1.92 -21.68 13.70
C ILE D 25 -2.35 -22.98 13.00
N ARG D 26 -3.66 -23.22 12.99
CA ARG D 26 -4.21 -24.43 12.40
C ARG D 26 -4.53 -24.14 10.95
N ARG D 27 -3.88 -24.89 10.05
CA ARG D 27 -3.95 -24.65 8.60
C ARG D 27 -5.05 -25.47 7.94
N ILE D 28 -5.95 -24.75 7.26
CA ILE D 28 -7.15 -25.32 6.66
C ILE D 28 -7.04 -25.23 5.14
N GLY D 29 -7.17 -26.38 4.48
CA GLY D 29 -7.17 -26.45 3.03
C GLY D 29 -8.60 -26.43 2.54
N LEU D 30 -8.85 -25.64 1.50
CA LEU D 30 -10.19 -25.56 0.91
C LEU D 30 -10.11 -25.92 -0.57
N VAL D 31 -10.87 -26.93 -1.00
CA VAL D 31 -10.99 -27.27 -2.41
C VAL D 31 -12.32 -26.64 -2.84
N VAL D 32 -12.22 -25.57 -3.64
CA VAL D 32 -13.40 -24.75 -3.92
C VAL D 32 -13.76 -24.57 -5.41
N PRO D 33 -15.06 -24.45 -5.72
CA PRO D 33 -15.40 -24.03 -7.07
C PRO D 33 -14.74 -22.69 -7.40
N SER D 34 -14.18 -22.56 -8.60
CA SER D 34 -13.45 -21.35 -8.96
C SER D 34 -14.32 -20.10 -8.76
N SER D 35 -15.64 -20.22 -9.01
CA SER D 35 -16.54 -19.06 -8.92
C SER D 35 -17.05 -18.81 -7.49
N ASN D 36 -16.83 -19.74 -6.59
CA ASN D 36 -17.21 -19.57 -5.19
C ASN D 36 -16.40 -18.47 -4.48
N VAL D 37 -17.13 -17.50 -3.91
CA VAL D 37 -16.53 -16.45 -3.09
C VAL D 37 -17.07 -16.50 -1.65
N THR D 38 -18.13 -17.25 -1.43
CA THR D 38 -18.79 -17.25 -0.13
C THR D 38 -18.05 -18.04 0.96
N VAL D 39 -17.51 -19.21 0.61
CA VAL D 39 -16.87 -20.06 1.63
C VAL D 39 -15.57 -19.42 2.19
N GLU D 40 -14.78 -18.81 1.31
CA GLU D 40 -13.56 -18.12 1.70
C GLU D 40 -13.84 -16.86 2.51
N THR D 41 -15.10 -16.41 2.51
CA THR D 41 -15.53 -15.29 3.32
C THR D 41 -16.11 -15.78 4.65
N GLU D 42 -17.09 -16.69 4.58
CA GLU D 42 -17.81 -17.14 5.77
C GLU D 42 -16.98 -18.02 6.70
N MET D 43 -16.14 -18.90 6.15
CA MET D 43 -15.38 -19.84 6.97
C MET D 43 -14.39 -19.14 7.92
N PRO D 44 -13.55 -18.22 7.40
CA PRO D 44 -12.68 -17.44 8.29
C PRO D 44 -13.44 -16.55 9.27
N ALA D 45 -14.51 -15.91 8.80
CA ALA D 45 -15.28 -15.00 9.66
C ALA D 45 -15.87 -15.77 10.84
N LEU D 46 -16.29 -16.98 10.58
CA LEU D 46 -16.84 -17.84 11.60
C LEU D 46 -15.72 -18.32 12.54
N LEU D 47 -14.67 -18.91 11.97
CA LEU D 47 -13.62 -19.51 12.78
C LEU D 47 -12.72 -18.52 13.54
N SER D 48 -12.74 -17.26 13.11
CA SER D 48 -12.02 -16.22 13.84
C SER D 48 -12.72 -15.87 15.18
N ARG D 49 -13.96 -16.32 15.35
CA ARG D 49 -14.70 -16.11 16.60
C ARG D 49 -14.31 -17.11 17.69
N HIS D 50 -13.46 -18.07 17.36
CA HIS D 50 -13.00 -19.08 18.33
C HIS D 50 -12.04 -18.45 19.35
N PRO D 51 -12.30 -18.67 20.65
CA PRO D 51 -11.57 -17.95 21.69
C PRO D 51 -10.19 -18.51 22.02
N GLY D 52 -9.91 -19.73 21.56
CA GLY D 52 -8.67 -20.40 21.93
C GLY D 52 -7.99 -21.13 20.79
N ALA D 53 -8.14 -20.60 19.58
CA ALA D 53 -7.55 -21.20 18.38
C ALA D 53 -7.41 -20.18 17.25
N GLU D 54 -6.29 -20.24 16.54
CA GLU D 54 -6.03 -19.36 15.40
C GLU D 54 -6.01 -20.19 14.12
N PHE D 55 -6.54 -19.65 13.03
CA PHE D 55 -6.60 -20.40 11.77
C PHE D 55 -6.00 -19.67 10.61
N SER D 56 -5.62 -20.43 9.58
CA SER D 56 -5.30 -19.87 8.30
C SER D 56 -5.96 -20.71 7.21
N PHE D 57 -6.20 -20.09 6.06
CA PHE D 57 -6.98 -20.72 4.99
C PHE D 57 -6.25 -20.69 3.66
N HIS D 58 -6.29 -21.81 2.96
CA HIS D 58 -5.50 -22.00 1.76
C HIS D 58 -6.33 -22.74 0.73
N SER D 59 -6.53 -22.11 -0.42
CA SER D 59 -7.45 -22.64 -1.40
C SER D 59 -6.78 -23.22 -2.63
N THR D 60 -7.45 -24.19 -3.22
CA THR D 60 -7.18 -24.64 -4.59
C THR D 60 -8.55 -24.60 -5.29
N ARG D 61 -8.56 -24.27 -6.58
CA ARG D 61 -9.83 -24.09 -7.32
C ARG D 61 -10.04 -25.12 -8.40
N MET D 62 -11.27 -25.63 -8.49
CA MET D 62 -11.71 -26.45 -9.61
C MET D 62 -12.78 -25.64 -10.32
N ARG D 63 -12.63 -25.47 -11.63
CA ARG D 63 -13.43 -24.54 -12.40
C ARG D 63 -14.90 -24.95 -12.52
N MET D 64 -15.77 -23.99 -12.16
CA MET D 64 -17.21 -24.13 -12.34
C MET D 64 -17.84 -22.76 -12.16
N HIS D 65 -18.76 -22.42 -13.04
CA HIS D 65 -19.59 -21.24 -12.82
C HIS D 65 -21.05 -21.54 -13.11
N THR D 66 -21.33 -22.72 -13.66
CA THR D 66 -22.71 -23.15 -13.96
C THR D 66 -23.07 -24.41 -13.18
N VAL D 67 -24.02 -24.28 -12.26
CA VAL D 67 -24.39 -25.39 -11.37
C VAL D 67 -25.39 -26.31 -12.09
N SER D 68 -24.82 -27.20 -12.91
CA SER D 68 -25.58 -28.12 -13.76
C SER D 68 -24.90 -29.47 -13.67
N PRO D 69 -25.57 -30.56 -14.12
CA PRO D 69 -24.84 -31.84 -14.10
C PRO D 69 -23.50 -31.78 -14.85
N GLU D 70 -23.47 -31.17 -16.03
CA GLU D 70 -22.19 -31.08 -16.75
C GLU D 70 -21.15 -30.12 -16.11
N GLY D 71 -21.60 -28.99 -15.58
CA GLY D 71 -20.71 -28.06 -14.87
C GLY D 71 -20.03 -28.73 -13.68
N LEU D 72 -20.84 -29.41 -12.87
CA LEU D 72 -20.38 -30.20 -11.73
C LEU D 72 -19.46 -31.37 -12.10
N ALA D 73 -19.79 -32.09 -13.18
CA ALA D 73 -18.94 -33.21 -13.59
C ALA D 73 -17.60 -32.72 -14.11
N ALA D 74 -17.60 -31.64 -14.89
CA ALA D 74 -16.36 -31.03 -15.34
C ALA D 74 -15.51 -30.57 -14.14
N MET D 75 -16.17 -29.98 -13.14
CA MET D 75 -15.53 -29.52 -11.92
C MET D 75 -14.95 -30.69 -11.11
N ASN D 76 -15.77 -31.71 -10.85
CA ASN D 76 -15.32 -32.91 -10.12
C ASN D 76 -14.09 -33.59 -10.78
N ALA D 77 -14.02 -33.56 -12.11
CA ALA D 77 -12.90 -34.19 -12.81
C ALA D 77 -11.55 -33.52 -12.50
N GLN D 78 -11.58 -32.35 -11.86
CA GLN D 78 -10.37 -31.62 -11.48
C GLN D 78 -9.88 -31.95 -10.06
N ARG D 79 -10.50 -32.93 -9.40
CA ARG D 79 -10.20 -33.21 -8.00
C ARG D 79 -8.75 -33.57 -7.76
N GLU D 80 -8.23 -34.48 -8.56
CA GLU D 80 -6.89 -35.03 -8.36
C GLU D 80 -5.80 -33.96 -8.52
N ARG D 81 -5.98 -33.09 -9.50
CA ARG D 81 -5.14 -31.91 -9.67
C ARG D 81 -5.20 -31.04 -8.38
N CYS D 82 -6.40 -30.76 -7.88
CA CYS D 82 -6.56 -29.87 -6.71
C CYS D 82 -5.95 -30.46 -5.46
N VAL D 83 -6.12 -31.77 -5.29
CA VAL D 83 -5.54 -32.47 -4.14
C VAL D 83 -4.03 -32.34 -4.12
N LEU D 84 -3.37 -32.56 -5.27
CA LEU D 84 -1.92 -32.38 -5.39
C LEU D 84 -1.46 -30.95 -5.04
N GLU D 85 -2.24 -29.97 -5.47
CA GLU D 85 -1.89 -28.57 -5.20
C GLU D 85 -2.02 -28.25 -3.74
N ILE D 86 -3.13 -28.65 -3.13
CA ILE D 86 -3.35 -28.27 -1.74
C ILE D 86 -2.44 -29.06 -0.78
N ALA D 87 -2.16 -30.31 -1.12
CA ALA D 87 -1.25 -31.13 -0.30
C ALA D 87 0.09 -30.45 -0.12
N ASP D 88 0.58 -29.75 -1.14
CA ASP D 88 1.88 -29.06 -1.04
C ASP D 88 1.93 -28.07 0.12
N ALA D 89 0.76 -27.59 0.55
CA ALA D 89 0.66 -26.59 1.63
C ALA D 89 0.61 -27.23 3.01
N ALA D 90 0.64 -28.55 3.04
CA ALA D 90 0.55 -29.34 4.28
C ALA D 90 -0.54 -28.84 5.25
N PRO D 91 -1.80 -28.73 4.79
CA PRO D 91 -2.87 -28.37 5.70
C PRO D 91 -3.20 -29.52 6.65
N GLU D 92 -3.75 -29.21 7.82
CA GLU D 92 -4.14 -30.26 8.78
C GLU D 92 -5.43 -30.98 8.36
N VAL D 93 -6.37 -30.20 7.83
CA VAL D 93 -7.61 -30.74 7.23
C VAL D 93 -7.86 -30.13 5.85
N ILE D 94 -8.46 -30.89 4.96
CA ILE D 94 -8.88 -30.40 3.65
C ILE D 94 -10.39 -30.55 3.53
N LEU D 95 -11.07 -29.45 3.21
CA LEU D 95 -12.51 -29.47 3.01
C LEU D 95 -12.83 -29.45 1.51
N TYR D 96 -13.49 -30.51 1.05
CA TYR D 96 -14.06 -30.58 -0.31
C TYR D 96 -15.37 -29.83 -0.27
N ALA D 97 -15.34 -28.59 -0.78
CA ALA D 97 -16.32 -27.61 -0.42
C ALA D 97 -17.71 -27.66 -1.08
N CYS D 98 -17.83 -28.12 -2.31
CA CYS D 98 -19.16 -28.03 -2.94
C CYS D 98 -20.02 -29.22 -2.54
N LEU D 99 -21.12 -28.92 -1.83
CA LEU D 99 -22.05 -29.96 -1.38
C LEU D 99 -22.78 -30.68 -2.52
N VAL D 100 -23.39 -29.93 -3.44
CA VAL D 100 -24.17 -30.57 -4.49
C VAL D 100 -23.31 -31.40 -5.48
N ALA D 101 -22.04 -31.01 -5.66
CA ALA D 101 -21.08 -31.76 -6.47
C ALA D 101 -20.93 -33.20 -6.02
N VAL D 102 -21.03 -33.42 -4.71
CA VAL D 102 -20.98 -34.76 -4.14
C VAL D 102 -22.38 -35.39 -4.13
N MET D 103 -23.37 -34.62 -3.70
CA MET D 103 -24.72 -35.17 -3.50
C MET D 103 -25.44 -35.55 -4.78
N VAL D 104 -25.03 -34.99 -5.91
CA VAL D 104 -25.56 -35.41 -7.21
C VAL D 104 -25.17 -36.87 -7.52
N GLY D 105 -24.12 -37.34 -6.85
CA GLY D 105 -23.61 -38.69 -7.09
C GLY D 105 -24.40 -39.82 -6.46
N GLY D 106 -25.43 -39.51 -5.68
CA GLY D 106 -26.23 -40.56 -5.06
C GLY D 106 -25.58 -41.30 -3.89
N PRO D 107 -26.28 -42.32 -3.36
CA PRO D 107 -26.07 -42.81 -1.99
C PRO D 107 -24.61 -43.09 -1.61
N GLY D 108 -24.14 -42.36 -0.60
CA GLY D 108 -22.83 -42.57 -0.03
C GLY D 108 -21.67 -41.92 -0.77
N GLU D 109 -21.97 -41.06 -1.73
CA GLU D 109 -20.91 -40.42 -2.53
C GLU D 109 -19.84 -39.69 -1.69
N HIS D 110 -20.23 -39.05 -0.57
CA HIS D 110 -19.23 -38.35 0.25
C HIS D 110 -18.17 -39.29 0.82
N HIS D 111 -18.57 -40.53 1.11
CA HIS D 111 -17.61 -41.54 1.56
C HIS D 111 -16.57 -41.84 0.47
N ARG D 112 -17.05 -42.11 -0.75
CA ARG D 112 -16.19 -42.42 -1.90
C ARG D 112 -15.25 -41.28 -2.25
N VAL D 113 -15.78 -40.06 -2.26
CA VAL D 113 -15.00 -38.86 -2.54
C VAL D 113 -13.94 -38.66 -1.44
N GLU D 114 -14.36 -38.74 -0.18
CA GLU D 114 -13.43 -38.60 0.95
C GLU D 114 -12.37 -39.69 0.97
N SER D 115 -12.78 -40.93 0.70
CA SER D 115 -11.85 -42.04 0.61
C SER D 115 -10.85 -41.90 -0.53
N ALA D 116 -11.30 -41.42 -1.70
CA ALA D 116 -10.40 -41.22 -2.84
C ALA D 116 -9.37 -40.13 -2.59
N VAL D 117 -9.81 -39.05 -1.94
CA VAL D 117 -8.92 -37.95 -1.59
C VAL D 117 -7.87 -38.46 -0.60
N ALA D 118 -8.33 -39.18 0.43
CA ALA D 118 -7.44 -39.76 1.45
C ALA D 118 -6.40 -40.72 0.85
N GLU D 119 -6.83 -41.56 -0.09
CA GLU D 119 -5.93 -42.47 -0.79
C GLU D 119 -4.85 -41.69 -1.55
N GLN D 120 -5.27 -40.72 -2.35
CA GLN D 120 -4.35 -39.88 -3.13
C GLN D 120 -3.31 -39.20 -2.25
N LEU D 121 -3.77 -38.65 -1.12
CA LEU D 121 -2.88 -37.99 -0.18
C LEU D 121 -1.85 -38.96 0.35
N ALA D 122 -2.31 -40.12 0.83
CA ALA D 122 -1.42 -41.12 1.42
C ALA D 122 -0.32 -41.58 0.46
N THR D 123 -0.61 -41.61 -0.84
CA THR D 123 0.39 -42.01 -1.84
C THR D 123 1.49 -40.93 -1.96
N GLY D 124 1.12 -39.67 -1.73
CA GLY D 124 2.08 -38.58 -1.73
C GLY D 124 2.73 -38.32 -0.38
N GLY D 125 2.39 -39.12 0.62
CA GLY D 125 2.99 -39.02 1.96
C GLY D 125 2.37 -37.99 2.90
N SER D 126 1.20 -37.47 2.53
CA SER D 126 0.47 -36.52 3.40
C SER D 126 -0.52 -37.27 4.29
N GLN D 127 -0.70 -36.77 5.50
CA GLN D 127 -1.73 -37.32 6.39
C GLN D 127 -2.71 -36.23 6.79
N ALA D 128 -2.96 -35.30 5.87
CA ALA D 128 -4.01 -34.31 6.04
C ALA D 128 -5.34 -35.05 6.16
N LEU D 129 -6.15 -34.65 7.15
CA LEU D 129 -7.49 -35.18 7.34
C LEU D 129 -8.39 -34.65 6.23
N VAL D 130 -9.42 -35.42 5.86
CA VAL D 130 -10.33 -35.03 4.74
C VAL D 130 -11.77 -34.91 5.21
N ARG D 131 -12.39 -33.77 4.93
CA ARG D 131 -13.83 -33.59 5.14
C ARG D 131 -14.49 -33.05 3.87
N SER D 132 -15.80 -33.20 3.79
CA SER D 132 -16.55 -32.60 2.71
C SER D 132 -17.75 -31.86 3.30
N SER D 133 -18.26 -30.88 2.56
CA SER D 133 -19.46 -30.17 2.99
C SER D 133 -20.65 -31.13 3.10
N ALA D 134 -20.74 -32.05 2.14
CA ALA D 134 -21.80 -33.05 2.12
C ALA D 134 -21.75 -33.92 3.38
N GLY D 135 -20.58 -34.48 3.67
CA GLY D 135 -20.38 -35.26 4.88
C GLY D 135 -20.57 -34.46 6.15
N ALA D 136 -20.11 -33.20 6.13
CA ALA D 136 -20.20 -32.29 7.27
C ALA D 136 -21.62 -31.95 7.64
N LEU D 137 -22.48 -31.78 6.63
CA LEU D 137 -23.90 -31.55 6.87
C LEU D 137 -24.53 -32.74 7.58
N VAL D 138 -24.26 -33.95 7.12
CA VAL D 138 -24.73 -35.17 7.80
C VAL D 138 -24.26 -35.17 9.27
N GLU D 139 -22.96 -34.91 9.46
CA GLU D 139 -22.31 -34.85 10.77
C GLU D 139 -22.99 -33.85 11.71
N GLY D 140 -23.32 -32.66 11.19
CA GLY D 140 -23.97 -31.62 11.99
C GLY D 140 -25.39 -31.96 12.38
N LEU D 141 -26.14 -32.52 11.44
CA LEU D 141 -27.50 -32.98 11.69
C LEU D 141 -27.54 -34.10 12.73
N ARG D 142 -26.56 -35.01 12.63
CA ARG D 142 -26.41 -36.10 13.59
C ARG D 142 -26.02 -35.55 14.97
N ALA D 143 -25.17 -34.51 14.98
CA ALA D 143 -24.79 -33.84 16.22
C ALA D 143 -25.96 -33.13 16.89
N LEU D 144 -26.91 -32.66 16.08
CA LEU D 144 -28.14 -32.06 16.61
C LEU D 144 -29.21 -33.11 16.94
N ASP D 145 -28.87 -34.39 16.76
CA ASP D 145 -29.81 -35.50 16.92
C ASP D 145 -31.10 -35.27 16.14
N ALA D 146 -30.96 -34.62 14.97
CA ALA D 146 -32.10 -34.29 14.13
C ALA D 146 -32.52 -35.44 13.23
N GLN D 147 -33.82 -35.73 13.20
CA GLN D 147 -34.35 -36.74 12.28
C GLN D 147 -35.16 -36.08 11.13
N ARG D 148 -36.04 -35.15 11.48
CA ARG D 148 -36.86 -34.45 10.49
C ARG D 148 -36.25 -33.10 10.17
N VAL D 149 -35.96 -32.89 8.88
CA VAL D 149 -35.15 -31.75 8.43
C VAL D 149 -35.85 -30.97 7.32
N ALA D 150 -35.65 -29.66 7.32
CA ALA D 150 -36.15 -28.78 6.26
C ALA D 150 -34.98 -28.06 5.57
N LEU D 151 -35.13 -27.79 4.27
CA LEU D 151 -34.02 -27.31 3.44
C LEU D 151 -34.33 -26.06 2.62
N VAL D 152 -33.38 -25.14 2.59
CA VAL D 152 -33.42 -24.04 1.64
C VAL D 152 -32.19 -24.14 0.75
N THR D 153 -32.40 -24.22 -0.56
CA THR D 153 -31.31 -24.34 -1.54
C THR D 153 -31.44 -23.32 -2.68
N PRO D 154 -30.31 -22.96 -3.32
CA PRO D 154 -30.36 -22.07 -4.47
C PRO D 154 -30.50 -22.82 -5.80
N TYR D 155 -30.46 -24.14 -5.75
CA TYR D 155 -30.30 -24.95 -6.95
C TYR D 155 -31.53 -24.98 -7.83
N MET D 156 -31.33 -25.39 -9.08
CA MET D 156 -32.43 -25.80 -9.95
C MET D 156 -33.11 -26.99 -9.27
N ARG D 157 -34.41 -27.12 -9.48
CA ARG D 157 -35.18 -28.14 -8.78
C ARG D 157 -34.69 -29.58 -8.94
N PRO D 158 -34.31 -29.99 -10.18
CA PRO D 158 -33.80 -31.35 -10.32
C PRO D 158 -32.57 -31.62 -9.45
N LEU D 159 -31.71 -30.61 -9.29
CA LEU D 159 -30.54 -30.75 -8.40
C LEU D 159 -30.91 -30.71 -6.92
N ALA D 160 -31.93 -29.93 -6.57
CA ALA D 160 -32.42 -29.87 -5.19
C ALA D 160 -33.03 -31.21 -4.79
N GLU D 161 -33.73 -31.85 -5.73
CA GLU D 161 -34.32 -33.17 -5.51
C GLU D 161 -33.26 -34.25 -5.30
N LYS D 162 -32.12 -34.08 -5.96
CA LYS D 162 -30.95 -34.94 -5.75
C LYS D 162 -30.43 -34.78 -4.32
N VAL D 163 -30.41 -33.55 -3.81
CA VAL D 163 -29.96 -33.28 -2.45
C VAL D 163 -30.93 -33.87 -1.43
N VAL D 164 -32.22 -33.67 -1.65
CA VAL D 164 -33.26 -34.28 -0.83
C VAL D 164 -33.08 -35.79 -0.80
N ALA D 165 -32.99 -36.40 -1.98
CA ALA D 165 -32.86 -37.85 -2.11
C ALA D 165 -31.59 -38.40 -1.43
N TYR D 166 -30.52 -37.62 -1.48
CA TYR D 166 -29.26 -37.99 -0.84
C TYR D 166 -29.39 -38.02 0.68
N LEU D 167 -29.99 -36.98 1.23
CA LEU D 167 -30.22 -36.86 2.67
C LEU D 167 -31.21 -37.89 3.19
N GLU D 168 -32.18 -38.26 2.35
CA GLU D 168 -33.10 -39.34 2.71
C GLU D 168 -32.36 -40.67 2.73
N ALA D 169 -31.46 -40.87 1.76
CA ALA D 169 -30.58 -42.03 1.71
C ALA D 169 -29.71 -42.09 2.95
N GLU D 170 -29.37 -40.92 3.49
CA GLU D 170 -28.55 -40.84 4.71
C GLU D 170 -29.33 -41.11 5.99
N GLY D 171 -30.66 -41.26 5.85
CA GLY D 171 -31.53 -41.63 6.98
C GLY D 171 -32.41 -40.53 7.52
N PHE D 172 -32.34 -39.34 6.92
CA PHE D 172 -33.12 -38.19 7.37
C PHE D 172 -34.49 -38.15 6.71
N THR D 173 -35.48 -37.65 7.45
CA THR D 173 -36.77 -37.34 6.86
C THR D 173 -36.77 -35.84 6.47
N ILE D 174 -36.91 -35.56 5.17
CA ILE D 174 -36.98 -34.20 4.67
C ILE D 174 -38.44 -33.83 4.48
N SER D 175 -38.98 -33.06 5.44
CA SER D 175 -40.42 -32.77 5.46
C SER D 175 -40.82 -31.60 4.55
N ASP D 176 -39.88 -30.68 4.32
CA ASP D 176 -40.12 -29.57 3.40
C ASP D 176 -38.80 -29.00 2.86
N TRP D 177 -38.84 -28.50 1.63
CA TRP D 177 -37.65 -27.92 0.99
C TRP D 177 -38.00 -26.85 -0.06
N ARG D 178 -37.06 -25.92 -0.27
CA ARG D 178 -37.19 -24.85 -1.26
C ARG D 178 -35.97 -24.78 -2.17
N ALA D 179 -36.21 -24.45 -3.43
CA ALA D 179 -35.17 -24.30 -4.43
C ALA D 179 -35.37 -22.99 -5.20
N LEU D 180 -34.34 -22.13 -5.18
CA LEU D 180 -34.46 -20.79 -5.76
C LEU D 180 -34.20 -20.76 -7.27
N GLU D 181 -33.70 -21.87 -7.80
CA GLU D 181 -33.52 -22.07 -9.25
C GLU D 181 -32.59 -21.02 -9.87
N VAL D 182 -31.40 -20.88 -9.29
CA VAL D 182 -30.35 -20.01 -9.82
C VAL D 182 -29.19 -20.90 -10.29
N ALA D 183 -29.03 -21.06 -11.60
CA ALA D 183 -27.99 -21.96 -12.12
C ALA D 183 -26.62 -21.31 -12.08
N ASP D 184 -26.57 -20.00 -12.30
CA ASP D 184 -25.31 -19.26 -12.33
C ASP D 184 -24.72 -19.01 -10.95
N ASN D 185 -23.56 -19.61 -10.70
CA ASN D 185 -22.95 -19.55 -9.39
C ASN D 185 -22.56 -18.16 -8.90
N THR D 186 -22.17 -17.27 -9.82
CA THR D 186 -21.89 -15.89 -9.45
C THR D 186 -23.16 -15.27 -8.88
N GLU D 187 -24.27 -15.45 -9.59
CA GLU D 187 -25.58 -14.98 -9.14
C GLU D 187 -25.95 -15.61 -7.79
N VAL D 188 -25.63 -16.89 -7.58
CA VAL D 188 -25.96 -17.54 -6.31
C VAL D 188 -25.32 -16.78 -5.14
N GLY D 189 -24.11 -16.27 -5.35
CA GLY D 189 -23.38 -15.54 -4.32
C GLY D 189 -23.97 -14.17 -3.99
N CYS D 190 -24.83 -13.67 -4.89
CA CYS D 190 -25.50 -12.36 -4.70
C CYS D 190 -26.90 -12.48 -4.12
N ILE D 191 -27.35 -13.71 -3.83
CA ILE D 191 -28.68 -13.92 -3.23
C ILE D 191 -28.72 -13.19 -1.89
N PRO D 192 -29.67 -12.24 -1.73
CA PRO D 192 -29.72 -11.44 -0.51
C PRO D 192 -30.45 -12.13 0.62
N GLY D 193 -30.09 -11.80 1.86
CA GLY D 193 -30.64 -12.42 3.06
C GLY D 193 -32.16 -12.48 3.16
N GLU D 194 -32.85 -11.46 2.67
CA GLU D 194 -34.31 -11.42 2.76
C GLU D 194 -34.99 -12.48 1.87
N GLN D 195 -34.36 -12.79 0.73
CA GLN D 195 -34.86 -13.81 -0.18
C GLN D 195 -34.69 -15.23 0.39
N VAL D 196 -33.61 -15.44 1.15
CA VAL D 196 -33.37 -16.73 1.82
C VAL D 196 -34.38 -16.93 2.96
N MET D 197 -34.61 -15.87 3.74
CA MET D 197 -35.49 -15.95 4.90
C MET D 197 -36.95 -16.00 4.50
N ALA D 198 -37.27 -15.38 3.36
CA ALA D 198 -38.62 -15.51 2.80
C ALA D 198 -38.88 -16.96 2.39
N ALA D 199 -37.89 -17.60 1.76
CA ALA D 199 -38.00 -19.01 1.39
C ALA D 199 -38.20 -19.88 2.63
N ALA D 200 -37.46 -19.55 3.69
CA ALA D 200 -37.50 -20.31 4.94
C ALA D 200 -38.84 -20.18 5.65
N ARG D 201 -39.34 -18.95 5.73
CA ARG D 201 -40.63 -18.68 6.35
C ARG D 201 -41.80 -19.37 5.62
N SER D 202 -41.58 -19.70 4.35
CA SER D 202 -42.61 -20.41 3.57
C SER D 202 -42.68 -21.90 3.92
N LEU D 203 -41.60 -22.41 4.51
CA LEU D 203 -41.53 -23.83 4.90
C LEU D 203 -42.44 -24.18 6.06
N ASP D 204 -42.97 -25.40 6.01
CA ASP D 204 -43.73 -26.00 7.10
C ASP D 204 -42.77 -26.60 8.13
N LEU D 205 -42.74 -26.01 9.32
CA LEU D 205 -41.74 -26.39 10.32
C LEU D 205 -42.28 -27.13 11.54
N SER D 206 -43.57 -27.45 11.55
CA SER D 206 -44.13 -28.30 12.61
C SER D 206 -43.42 -29.65 12.61
N GLU D 207 -42.97 -30.04 13.80
CA GLU D 207 -42.25 -31.30 14.05
C GLU D 207 -40.89 -31.44 13.36
N VAL D 208 -40.37 -30.32 12.82
CA VAL D 208 -39.04 -30.27 12.21
C VAL D 208 -37.98 -30.04 13.29
N ASP D 209 -36.98 -30.92 13.32
CA ASP D 209 -35.89 -30.86 14.30
C ASP D 209 -34.80 -29.84 13.90
N ALA D 210 -34.56 -29.67 12.61
CA ALA D 210 -33.47 -28.80 12.14
C ALA D 210 -33.74 -28.13 10.80
N LEU D 211 -33.30 -26.88 10.68
CA LEU D 211 -33.42 -26.16 9.43
C LEU D 211 -32.05 -25.92 8.83
N VAL D 212 -31.85 -26.42 7.61
CA VAL D 212 -30.62 -26.12 6.85
C VAL D 212 -30.89 -24.88 6.00
N ILE D 213 -30.59 -23.72 6.57
CA ILE D 213 -30.87 -22.44 5.92
C ILE D 213 -30.15 -22.22 4.58
N SER D 214 -28.95 -22.77 4.44
CA SER D 214 -28.32 -22.95 3.12
C SER D 214 -27.59 -24.27 2.93
N CYS D 215 -28.05 -25.05 1.95
CA CYS D 215 -27.38 -26.28 1.53
C CYS D 215 -26.12 -26.07 0.68
N ALA D 216 -26.02 -24.90 0.04
CA ALA D 216 -24.90 -24.58 -0.83
C ALA D 216 -23.87 -23.71 -0.11
N VAL D 217 -22.59 -23.94 -0.40
CA VAL D 217 -21.55 -23.09 0.18
C VAL D 217 -21.43 -21.73 -0.51
N GLN D 218 -22.05 -21.57 -1.68
CA GLN D 218 -22.02 -20.27 -2.36
C GLN D 218 -23.10 -19.32 -1.86
N MET D 219 -24.27 -19.84 -1.51
CA MET D 219 -25.37 -18.97 -1.09
C MET D 219 -25.09 -18.44 0.31
N PRO D 220 -24.92 -17.12 0.44
CA PRO D 220 -24.60 -16.53 1.75
C PRO D 220 -25.71 -16.76 2.77
N SER D 221 -25.33 -16.98 4.03
CA SER D 221 -26.31 -17.25 5.07
C SER D 221 -25.78 -16.98 6.46
N LEU D 222 -24.48 -16.69 6.61
CA LEU D 222 -23.90 -16.58 7.96
C LEU D 222 -24.62 -15.60 8.90
N PRO D 223 -24.93 -14.37 8.43
CA PRO D 223 -25.65 -13.45 9.30
C PRO D 223 -27.08 -13.88 9.67
N LEU D 224 -27.62 -14.84 8.92
CA LEU D 224 -29.00 -15.28 9.12
C LEU D 224 -29.14 -16.41 10.12
N VAL D 225 -28.04 -17.10 10.43
CA VAL D 225 -28.08 -18.32 11.22
C VAL D 225 -28.60 -18.11 12.65
N GLU D 226 -27.98 -17.21 13.39
CA GLU D 226 -28.39 -16.92 14.76
C GLU D 226 -29.81 -16.36 14.86
N THR D 227 -30.10 -15.35 14.04
CA THR D 227 -31.42 -14.70 14.02
C THR D 227 -32.55 -15.67 13.70
N ALA D 228 -32.31 -16.56 12.74
CA ALA D 228 -33.32 -17.53 12.32
C ALA D 228 -33.55 -18.62 13.36
N GLU D 229 -32.49 -18.98 14.08
CA GLU D 229 -32.63 -19.94 15.17
C GLU D 229 -33.62 -19.44 16.24
N ARG D 230 -33.60 -18.13 16.51
CA ARG D 230 -34.53 -17.50 17.45
C ARG D 230 -35.94 -17.43 16.88
N GLU D 231 -36.05 -17.01 15.63
CA GLU D 231 -37.35 -16.81 14.98
C GLU D 231 -38.13 -18.11 14.87
N PHE D 232 -37.43 -19.23 14.73
CA PHE D 232 -38.10 -20.52 14.58
C PHE D 232 -38.01 -21.43 15.83
N GLY D 233 -37.11 -21.11 16.75
CA GLY D 233 -36.83 -21.99 17.90
C GLY D 233 -35.78 -23.04 17.54
N ILE D 234 -36.17 -23.93 16.62
CA ILE D 234 -35.35 -25.10 16.21
C ILE D 234 -33.93 -24.75 15.74
N PRO D 235 -32.97 -25.68 15.93
CA PRO D 235 -31.60 -25.48 15.50
C PRO D 235 -31.47 -25.17 14.01
N VAL D 236 -30.64 -24.18 13.70
CA VAL D 236 -30.37 -23.76 12.32
C VAL D 236 -28.89 -23.99 11.98
N LEU D 237 -28.66 -24.56 10.80
CA LEU D 237 -27.31 -24.71 10.26
C LEU D 237 -27.28 -24.47 8.75
N SER D 238 -26.08 -24.29 8.22
CA SER D 238 -25.82 -24.26 6.79
C SER D 238 -24.67 -25.21 6.53
N ALA D 239 -24.42 -25.53 5.27
CA ALA D 239 -23.21 -26.26 4.87
C ALA D 239 -21.94 -25.64 5.46
N ALA D 240 -21.89 -24.31 5.48
CA ALA D 240 -20.73 -23.58 6.02
C ALA D 240 -20.51 -23.79 7.53
N THR D 241 -21.57 -23.62 8.33
CA THR D 241 -21.49 -23.82 9.78
C THR D 241 -21.27 -25.30 10.10
N ALA D 242 -21.85 -26.17 9.28
CA ALA D 242 -21.60 -27.60 9.41
C ALA D 242 -20.12 -27.90 9.13
N GLY D 243 -19.57 -27.30 8.08
CA GLY D 243 -18.15 -27.51 7.76
C GLY D 243 -17.27 -27.04 8.90
N ALA D 244 -17.59 -25.87 9.46
CA ALA D 244 -16.86 -25.34 10.58
C ALA D 244 -16.93 -26.29 11.77
N TYR D 245 -18.13 -26.82 12.05
CA TYR D 245 -18.31 -27.79 13.09
C TYR D 245 -17.40 -28.98 12.84
N SER D 246 -17.50 -29.54 11.63
CA SER D 246 -16.71 -30.69 11.24
C SER D 246 -15.20 -30.44 11.38
N ILE D 247 -14.75 -29.27 10.93
CA ILE D 247 -13.34 -28.89 11.04
C ILE D 247 -12.87 -28.86 12.49
N LEU D 248 -13.67 -28.25 13.37
CA LEU D 248 -13.32 -28.18 14.79
C LEU D 248 -13.22 -29.58 15.39
N ARG D 249 -14.19 -30.44 15.08
CA ARG D 249 -14.14 -31.84 15.57
C ARG D 249 -12.90 -32.57 15.04
N SER D 250 -12.58 -32.38 13.76
CA SER D 250 -11.43 -33.06 13.16
C SER D 250 -10.11 -32.63 13.79
N LEU D 251 -10.03 -31.38 14.24
CA LEU D 251 -8.82 -30.83 14.84
C LEU D 251 -8.75 -30.95 16.37
N ASP D 252 -9.63 -31.79 16.93
CA ASP D 252 -9.73 -32.00 18.37
C ASP D 252 -9.82 -30.67 19.12
N LEU D 253 -10.71 -29.80 18.66
CA LEU D 253 -10.83 -28.46 19.19
C LEU D 253 -12.23 -28.27 19.82
N PRO D 254 -12.32 -27.48 20.91
CA PRO D 254 -13.66 -27.31 21.51
C PRO D 254 -14.62 -26.59 20.56
N VAL D 255 -15.87 -27.08 20.46
CA VAL D 255 -16.87 -26.44 19.60
C VAL D 255 -17.50 -25.27 20.37
N ALA D 256 -16.83 -24.13 20.31
CA ALA D 256 -17.16 -22.99 21.15
C ALA D 256 -17.10 -21.68 20.38
N VAL D 257 -17.87 -21.62 19.29
CA VAL D 257 -17.92 -20.46 18.43
C VAL D 257 -19.28 -19.77 18.58
N PRO D 258 -19.28 -18.49 19.00
CA PRO D 258 -20.55 -17.80 19.25
C PRO D 258 -21.19 -17.19 18.00
N GLY D 259 -22.47 -16.85 18.12
CA GLY D 259 -23.22 -16.12 17.08
C GLY D 259 -23.54 -16.88 15.81
N ALA D 260 -23.45 -18.21 15.88
CA ALA D 260 -23.58 -19.03 14.67
C ALA D 260 -24.44 -20.28 14.86
N GLY D 261 -25.33 -20.24 15.86
CA GLY D 261 -26.25 -21.35 16.13
C GLY D 261 -25.72 -22.34 17.17
N ARG D 262 -26.66 -22.98 17.88
CA ARG D 262 -26.35 -23.93 18.96
C ARG D 262 -25.31 -24.96 18.57
N LEU D 263 -25.37 -25.43 17.32
CA LEU D 263 -24.49 -26.48 16.82
C LEU D 263 -23.02 -26.19 17.08
N LEU D 264 -22.65 -24.92 16.95
CA LEU D 264 -21.27 -24.48 17.14
C LEU D 264 -20.94 -24.06 18.57
N ARG D 265 -21.88 -24.24 19.48
CA ARG D 265 -21.69 -23.83 20.90
C ARG D 265 -21.71 -25.00 21.88
N GLN D 266 -21.64 -26.24 21.38
CA GLN D 266 -21.81 -27.44 22.23
C GLN D 266 -20.83 -27.51 23.40
N ASP D 267 -19.69 -26.82 23.28
CA ASP D 267 -18.72 -26.73 24.37
C ASP D 267 -18.78 -25.37 25.07
N SER D 268 -18.11 -25.27 26.23
CA SER D 268 -18.34 -24.22 27.25
C SER D 268 -19.81 -23.95 27.56
C1 SIN E . 8.76 -15.23 -3.86
O1 SIN E . 9.89 -14.73 -4.00
O2 SIN E . 7.91 -14.55 -3.24
C2 SIN E . 8.47 -16.62 -4.45
C3 SIN E . 7.27 -17.30 -3.81
C4 SIN E . 7.40 -17.69 -2.34
O3 SIN E . 8.22 -17.14 -1.57
O4 SIN E . 6.63 -18.59 -1.89
C1 SIN F . 8.09 25.77 29.54
O1 SIN F . 8.25 24.66 30.09
O2 SIN F . 7.35 25.81 28.52
C2 SIN F . 8.76 27.00 30.13
C3 SIN F . 8.89 28.15 29.12
C4 SIN F . 9.80 27.93 27.93
O3 SIN F . 10.08 26.79 27.47
O4 SIN F . 10.30 28.96 27.38
C1 SIN G . 19.66 9.78 -30.61
O1 SIN G . 19.50 8.59 -30.93
O2 SIN G . 18.62 10.44 -30.39
C2 SIN G . 21.04 10.41 -30.45
C3 SIN G . 21.64 10.89 -31.77
C4 SIN G . 20.88 12.06 -32.35
O3 SIN G . 19.68 11.92 -32.67
O4 SIN G . 21.44 13.17 -32.56
C1 SIN H . -22.42 -26.53 -3.42
O1 SIN H . -23.58 -26.97 -3.30
O2 SIN H . -21.80 -26.24 -2.38
C2 SIN H . -21.83 -26.37 -4.82
C3 SIN H . -20.70 -25.34 -4.88
C4 SIN H . -21.10 -23.92 -4.54
O3 SIN H . -22.19 -23.65 -3.94
O4 SIN H . -20.31 -22.99 -4.85
#